data_7S2S
#
_entry.id   7S2S
#
_cell.length_a   42.698
_cell.length_b   69.505
_cell.length_c   91.721
_cell.angle_alpha   99.566
_cell.angle_beta   99.854
_cell.angle_gamma   90.191
#
_symmetry.space_group_name_H-M   'P 1'
#
loop_
_entity.id
_entity.type
_entity.pdbx_description
1 polymer 'IL2Rb-binding nanobody'
2 polymer 'Interleukin-2 receptor subunit beta'
3 branched 2-acetamido-2-deoxy-beta-D-glucopyranose-(1-4)-[alpha-L-fucopyranose-(1-6)]2-acetamido-2-deoxy-beta-D-glucopyranose
4 branched beta-D-mannopyranose-(1-4)-2-acetamido-2-deoxy-beta-D-glucopyranose-(1-4)-2-acetamido-2-deoxy-beta-D-glucopyranose
5 non-polymer 'SULFATE ION'
6 water water
#
loop_
_entity_poly.entity_id
_entity_poly.type
_entity_poly.pdbx_seq_one_letter_code
_entity_poly.pdbx_strand_id
1 'polypeptide(L)'
;QVQLQESGGGSVQAGGSLRLSCAASSYTISSVCMGWFRQAPGKEREGVAGIAPDGSTGYGDSVKGRFTIS(MLY)DNAKN
TLYLQMNSLKPEDTAMYYCAAASPGRCFLPRTALEPALYYNWGQGTQVTVSSGAPGSGLNDIFEAQKIEWHEHHHHHH
;
C,A
2 'polypeptide(L)'
;AVNGTSQFTCFYNSRANISCVWSQDGALQDTSCQVHAWPDRRRWNQTCELLPVSQASWACNLILGAPDSQ(MLY)LTTVD
IVTLRVLCREGVRWRVMAIQDFKPFENLRLMAPISLQVVHVETHRCNISWEISQASHYFERHLEFEARTLSPGHTWEEAP
LLTLKQKQEWICLETLTPDTQYEFQVRV(MLY)PLQGEFTTWSPWSQPLAFRTKPAALHHHHHH
;
B,D
#
loop_
_chem_comp.id
_chem_comp.type
_chem_comp.name
_chem_comp.formula
BMA D-saccharide, beta linking beta-D-mannopyranose 'C6 H12 O6'
FUC L-saccharide, alpha linking alpha-L-fucopyranose 'C6 H12 O5'
NAG D-saccharide, beta linking 2-acetamido-2-deoxy-beta-D-glucopyranose 'C8 H15 N O6'
SO4 non-polymer 'SULFATE ION' 'O4 S -2'
#
# COMPACT_ATOMS: atom_id res chain seq x y z
N GLN A 3 -10.68 40.05 -1.73
CA GLN A 3 -9.80 39.01 -2.22
C GLN A 3 -9.27 39.33 -3.62
N LEU A 4 -9.94 38.83 -4.64
CA LEU A 4 -9.51 39.05 -6.02
C LEU A 4 -9.68 40.51 -6.41
N GLN A 5 -8.65 41.08 -7.01
CA GLN A 5 -8.63 42.50 -7.38
C GLN A 5 -7.96 42.64 -8.73
N GLU A 6 -8.76 42.98 -9.76
CA GLU A 6 -8.20 43.21 -11.09
C GLU A 6 -7.51 44.57 -11.15
N SER A 7 -6.70 44.73 -12.19
CA SER A 7 -5.95 45.97 -12.40
C SER A 7 -5.43 45.94 -13.84
N GLY A 8 -4.91 47.08 -14.27
CA GLY A 8 -4.36 47.21 -15.60
C GLY A 8 -5.38 47.43 -16.69
N GLY A 9 -6.66 47.52 -16.35
CA GLY A 9 -7.69 47.80 -17.33
C GLY A 9 -7.83 49.27 -17.64
N GLY A 10 -7.63 49.64 -18.89
CA GLY A 10 -7.79 51.03 -19.29
C GLY A 10 -8.25 51.19 -20.73
N SER A 11 -7.89 52.31 -21.33
CA SER A 11 -8.27 52.64 -22.69
C SER A 11 -7.05 52.55 -23.60
N VAL A 12 -7.20 51.84 -24.74
CA VAL A 12 -6.17 51.74 -25.75
C VAL A 12 -6.82 51.85 -27.12
N GLN A 13 -5.99 52.11 -28.12
CA GLN A 13 -6.45 52.13 -29.50
C GLN A 13 -6.29 50.74 -30.11
N ALA A 14 -6.93 50.54 -31.27
CA ALA A 14 -6.84 49.27 -31.97
C ALA A 14 -5.38 48.95 -32.30
N GLY A 15 -5.07 47.65 -32.37
CA GLY A 15 -3.71 47.20 -32.55
C GLY A 15 -2.83 47.31 -31.33
N GLY A 16 -3.30 47.94 -30.26
CA GLY A 16 -2.52 48.08 -29.06
C GLY A 16 -2.36 46.78 -28.30
N SER A 17 -1.72 46.89 -27.14
CA SER A 17 -1.42 45.72 -26.31
C SER A 17 -1.46 46.14 -24.85
N LEU A 18 -2.34 45.51 -24.07
CA LEU A 18 -2.55 45.83 -22.66
C LEU A 18 -2.20 44.61 -21.82
N ARG A 19 -2.11 44.82 -20.50
CA ARG A 19 -1.74 43.76 -19.56
C ARG A 19 -2.56 43.89 -18.29
N LEU A 20 -3.37 42.88 -18.00
CA LEU A 20 -4.19 42.87 -16.80
C LEU A 20 -3.48 42.16 -15.66
N SER A 21 -3.72 42.63 -14.44
CA SER A 21 -3.18 42.04 -13.24
C SER A 21 -4.31 41.74 -12.27
N CYS A 22 -4.24 40.56 -11.64
CA CYS A 22 -5.25 40.11 -10.69
C CYS A 22 -4.52 39.66 -9.43
N ALA A 23 -4.56 40.49 -8.39
CA ALA A 23 -3.90 40.17 -7.13
C ALA A 23 -4.75 39.21 -6.31
N ALA A 24 -4.13 38.15 -5.82
CA ALA A 24 -4.83 37.11 -5.08
C ALA A 24 -3.93 36.58 -3.97
N SER A 25 -4.44 35.60 -3.24
CA SER A 25 -3.71 35.02 -2.11
C SER A 25 -2.48 34.27 -2.60
N SER A 26 -1.61 33.91 -1.65
CA SER A 26 -0.49 33.03 -2.00
C SER A 26 -0.97 31.64 -2.35
N TYR A 27 -2.06 31.17 -1.72
CA TYR A 27 -2.54 29.82 -1.96
C TYR A 27 -3.20 29.70 -3.33
N THR A 28 -4.11 30.63 -3.66
CA THR A 28 -4.86 30.49 -4.89
C THR A 28 -3.96 30.57 -6.11
N ILE A 29 -2.96 31.45 -6.08
CA ILE A 29 -2.04 31.59 -7.22
C ILE A 29 -1.26 30.31 -7.44
N SER A 30 -1.03 29.52 -6.39
CA SER A 30 -0.24 28.31 -6.50
C SER A 30 -1.07 27.05 -6.65
N SER A 31 -2.34 27.05 -6.22
CA SER A 31 -3.06 25.80 -5.97
C SER A 31 -4.31 25.58 -6.82
N VAL A 32 -4.99 26.64 -7.27
CA VAL A 32 -6.34 26.48 -7.80
C VAL A 32 -6.41 26.97 -9.25
N CYS A 33 -7.36 26.42 -10.00
CA CYS A 33 -7.66 26.93 -11.34
C CYS A 33 -8.02 28.41 -11.28
N MET A 34 -7.58 29.16 -12.28
CA MET A 34 -7.95 30.56 -12.41
C MET A 34 -8.24 30.85 -13.88
N GLY A 35 -8.95 31.96 -14.11
CA GLY A 35 -9.33 32.29 -15.46
C GLY A 35 -9.69 33.75 -15.62
N TRP A 36 -9.61 34.21 -16.87
CA TRP A 36 -10.06 35.52 -17.26
C TRP A 36 -11.32 35.38 -18.10
N PHE A 37 -12.28 36.27 -17.87
CA PHE A 37 -13.56 36.23 -18.55
C PHE A 37 -13.93 37.65 -18.98
N ARG A 38 -14.77 37.74 -20.02
CA ARG A 38 -15.20 39.05 -20.49
C ARG A 38 -16.70 39.03 -20.73
N GLN A 39 -17.34 40.17 -20.49
CA GLN A 39 -18.78 40.33 -20.64
C GLN A 39 -19.05 41.61 -21.42
N ALA A 40 -19.33 41.46 -22.71
CA ALA A 40 -19.73 42.60 -23.53
C ALA A 40 -21.16 43.01 -23.17
N PRO A 41 -21.52 44.27 -23.42
CA PRO A 41 -22.88 44.71 -23.14
C PRO A 41 -23.89 43.93 -23.99
N GLY A 42 -24.94 43.46 -23.34
CA GLY A 42 -25.92 42.63 -24.01
C GLY A 42 -25.48 41.21 -24.29
N LYS A 43 -24.33 40.80 -23.76
CA LYS A 43 -23.82 39.45 -23.92
C LYS A 43 -23.61 38.83 -22.55
N GLU A 44 -23.43 37.51 -22.54
CA GLU A 44 -23.14 36.80 -21.30
C GLU A 44 -21.64 36.69 -21.09
N ARG A 45 -21.25 36.47 -19.83
CA ARG A 45 -19.85 36.34 -19.47
C ARG A 45 -19.25 35.12 -20.17
N GLU A 46 -18.28 35.36 -21.05
CA GLU A 46 -17.64 34.31 -21.81
C GLU A 46 -16.20 34.09 -21.35
N GLY A 47 -15.69 32.90 -21.61
CA GLY A 47 -14.34 32.56 -21.20
C GLY A 47 -13.31 33.08 -22.17
N VAL A 48 -12.22 33.62 -21.63
CA VAL A 48 -11.12 34.15 -22.42
C VAL A 48 -9.87 33.29 -22.26
N ALA A 49 -9.41 33.08 -21.03
CA ALA A 49 -8.21 32.31 -20.78
C ALA A 49 -8.35 31.58 -19.45
N GLY A 50 -7.78 30.40 -19.36
CA GLY A 50 -7.77 29.63 -18.14
C GLY A 50 -6.43 28.99 -17.91
N ILE A 51 -6.07 28.86 -16.63
CA ILE A 51 -4.80 28.25 -16.24
C ILE A 51 -5.09 27.25 -15.12
N ALA A 52 -4.52 26.06 -15.24
CA ALA A 52 -4.73 24.97 -14.30
C ALA A 52 -3.63 24.96 -13.25
N PRO A 53 -3.82 24.26 -12.13
CA PRO A 53 -2.77 24.26 -11.09
C PRO A 53 -1.40 23.81 -11.57
N ASP A 54 -1.32 22.92 -12.57
CA ASP A 54 -0.04 22.49 -13.09
C ASP A 54 0.58 23.49 -14.07
N GLY A 55 -0.01 24.67 -14.23
CA GLY A 55 0.50 25.68 -15.14
C GLY A 55 -0.02 25.59 -16.56
N SER A 56 -0.69 24.50 -16.91
CA SER A 56 -1.24 24.34 -18.25
C SER A 56 -2.30 25.40 -18.53
N THR A 57 -2.46 25.76 -19.80
CA THR A 57 -3.29 26.89 -20.18
C THR A 57 -4.26 26.52 -21.30
N GLY A 58 -5.32 27.32 -21.41
CA GLY A 58 -6.26 27.19 -22.51
C GLY A 58 -6.91 28.53 -22.79
N TYR A 59 -7.33 28.73 -24.04
CA TYR A 59 -7.87 30.02 -24.46
C TYR A 59 -9.14 29.83 -25.28
N GLY A 60 -10.03 30.81 -25.20
CA GLY A 60 -11.17 30.85 -26.11
C GLY A 60 -10.74 31.06 -27.55
N ASP A 61 -11.61 30.63 -28.46
CA ASP A 61 -11.25 30.62 -29.88
C ASP A 61 -10.98 32.02 -30.40
N SER A 62 -11.73 33.02 -29.91
CA SER A 62 -11.60 34.37 -30.45
C SER A 62 -10.27 35.03 -30.10
N VAL A 63 -9.61 34.62 -29.02
CA VAL A 63 -8.43 35.31 -28.52
C VAL A 63 -7.17 34.47 -28.61
N LYS A 64 -7.23 33.32 -29.31
CA LYS A 64 -6.07 32.43 -29.37
C LYS A 64 -4.92 33.10 -30.12
N GLY A 65 -3.71 32.94 -29.57
CA GLY A 65 -2.50 33.49 -30.16
C GLY A 65 -2.16 34.90 -29.73
N ARG A 66 -3.17 35.70 -29.37
CA ARG A 66 -2.98 37.08 -28.96
C ARG A 66 -2.87 37.25 -27.46
N PHE A 67 -3.67 36.52 -26.69
CA PHE A 67 -3.69 36.65 -25.24
C PHE A 67 -2.84 35.54 -24.62
N THR A 68 -2.22 35.86 -23.49
CA THR A 68 -1.39 34.90 -22.76
C THR A 68 -1.68 35.02 -21.27
N ILE A 69 -2.13 33.93 -20.67
CA ILE A 69 -2.40 33.90 -19.23
C ILE A 69 -1.15 33.40 -18.52
N SER A 70 -0.84 33.98 -17.37
CA SER A 70 0.33 33.56 -16.60
C SER A 70 0.17 33.88 -15.12
N MLY A 71 0.99 33.24 -14.29
CA MLY A 71 0.97 33.47 -12.86
CB MLY A 71 0.34 32.30 -12.11
CG MLY A 71 -1.17 32.31 -12.08
CD MLY A 71 -1.72 31.09 -11.38
CE MLY A 71 -1.01 29.82 -11.85
NZ MLY A 71 -1.73 28.53 -11.58
CH1 MLY A 71 -0.79 27.67 -10.87
CH2 MLY A 71 -2.86 28.78 -10.67
C MLY A 71 2.37 33.72 -12.32
O MLY A 71 3.36 33.24 -12.91
N ASP A 72 2.46 34.44 -11.22
CA ASP A 72 3.73 34.66 -10.55
C ASP A 72 3.57 34.35 -9.07
N ASN A 73 4.02 33.16 -8.66
CA ASN A 73 3.88 32.76 -7.26
C ASN A 73 4.62 33.68 -6.32
N ALA A 74 5.74 34.25 -6.77
CA ALA A 74 6.50 35.17 -5.92
C ALA A 74 5.71 36.44 -5.64
N LYS A 75 4.95 36.93 -6.62
CA LYS A 75 4.21 38.16 -6.49
C LYS A 75 2.73 37.94 -6.18
N ASN A 76 2.27 36.69 -6.16
CA ASN A 76 0.87 36.35 -5.88
C ASN A 76 -0.07 37.11 -6.81
N THR A 77 0.14 36.92 -8.11
CA THR A 77 -0.55 37.70 -9.12
C THR A 77 -0.84 36.86 -10.35
N LEU A 78 -2.02 37.07 -10.93
CA LEU A 78 -2.40 36.49 -12.22
C LEU A 78 -2.40 37.59 -13.27
N TYR A 79 -1.90 37.26 -14.47
CA TYR A 79 -1.79 38.23 -15.55
C TYR A 79 -2.52 37.74 -16.79
N LEU A 80 -3.02 38.70 -17.57
CA LEU A 80 -3.48 38.46 -18.93
C LEU A 80 -2.77 39.46 -19.83
N GLN A 81 -1.77 38.98 -20.57
CA GLN A 81 -1.08 39.78 -21.57
C GLN A 81 -1.87 39.68 -22.87
N MET A 82 -2.52 40.78 -23.25
CA MET A 82 -3.29 40.84 -24.49
C MET A 82 -2.55 41.67 -25.52
N ASN A 83 -2.34 41.10 -26.70
CA ASN A 83 -1.68 41.79 -27.80
C ASN A 83 -2.63 41.89 -28.98
N SER A 84 -2.34 42.84 -29.87
CA SER A 84 -3.06 43.00 -31.13
C SER A 84 -4.57 43.16 -30.90
N LEU A 85 -4.91 44.03 -29.96
CA LEU A 85 -6.30 44.19 -29.54
C LEU A 85 -7.16 44.73 -30.68
N LYS A 86 -8.42 44.34 -30.66
CA LYS A 86 -9.41 44.69 -31.67
C LYS A 86 -10.62 45.32 -30.99
N PRO A 87 -11.46 46.04 -31.74
CA PRO A 87 -12.69 46.58 -31.14
C PRO A 87 -13.59 45.51 -30.54
N GLU A 88 -13.57 44.29 -31.08
CA GLU A 88 -14.38 43.22 -30.52
C GLU A 88 -13.97 42.88 -29.09
N ASP A 89 -12.72 43.17 -28.74
CA ASP A 89 -12.24 42.87 -27.40
C ASP A 89 -12.76 43.83 -26.34
N THR A 90 -13.50 44.86 -26.73
CA THR A 90 -14.07 45.79 -25.77
C THR A 90 -15.16 45.11 -24.95
N ALA A 91 -14.93 44.99 -23.64
CA ALA A 91 -15.87 44.39 -22.70
C ALA A 91 -15.28 44.54 -21.30
N MET A 92 -16.10 44.20 -20.30
CA MET A 92 -15.63 44.11 -18.92
C MET A 92 -14.89 42.80 -18.72
N TYR A 93 -13.67 42.87 -18.21
CA TYR A 93 -12.84 41.69 -18.00
C TYR A 93 -12.78 41.36 -16.52
N TYR A 94 -12.95 40.07 -16.21
CA TYR A 94 -13.01 39.58 -14.83
C TYR A 94 -12.01 38.46 -14.62
N CYS A 95 -11.38 38.42 -13.46
CA CYS A 95 -10.65 37.23 -13.04
C CYS A 95 -11.46 36.45 -12.02
N ALA A 96 -11.16 35.16 -11.93
CA ALA A 96 -11.90 34.28 -11.04
C ALA A 96 -10.98 33.14 -10.62
N ALA A 97 -11.23 32.62 -9.40
CA ALA A 97 -10.42 31.55 -8.84
C ALA A 97 -11.34 30.43 -8.36
N ALA A 98 -10.97 29.20 -8.67
CA ALA A 98 -11.81 28.05 -8.40
C ALA A 98 -11.59 27.51 -6.99
N SER A 99 -12.51 26.65 -6.56
CA SER A 99 -12.34 25.95 -5.30
C SER A 99 -11.14 25.00 -5.40
N PRO A 100 -10.35 24.86 -4.35
CA PRO A 100 -9.21 23.93 -4.40
C PRO A 100 -9.69 22.50 -4.58
N GLY A 101 -8.95 21.75 -5.41
CA GLY A 101 -9.26 20.36 -5.65
C GLY A 101 -10.41 20.08 -6.60
N ARG A 102 -11.01 21.12 -7.18
CA ARG A 102 -12.19 20.92 -8.02
C ARG A 102 -11.93 21.17 -9.50
N CYS A 103 -10.67 21.38 -9.90
CA CYS A 103 -10.37 21.68 -11.29
C CYS A 103 -8.91 21.39 -11.56
N PHE A 104 -8.65 20.65 -12.64
CA PHE A 104 -7.29 20.25 -12.99
C PHE A 104 -6.95 20.45 -14.46
N LEU A 105 -7.90 20.87 -15.29
CA LEU A 105 -7.70 20.99 -16.73
C LEU A 105 -8.04 22.40 -17.18
N PRO A 106 -7.24 22.98 -18.07
CA PRO A 106 -7.52 24.35 -18.52
C PRO A 106 -8.86 24.51 -19.23
N ARG A 107 -9.36 23.47 -19.90
CA ARG A 107 -10.66 23.59 -20.54
C ARG A 107 -11.78 23.70 -19.50
N THR A 108 -11.59 23.12 -18.32
CA THR A 108 -12.55 23.32 -17.25
C THR A 108 -12.41 24.72 -16.64
N ALA A 109 -11.17 25.21 -16.52
CA ALA A 109 -10.93 26.56 -16.01
C ALA A 109 -11.49 27.65 -16.91
N LEU A 110 -11.82 27.32 -18.17
CA LEU A 110 -12.45 28.26 -19.09
C LEU A 110 -13.96 28.36 -18.90
N GLU A 111 -14.55 27.51 -18.06
CA GLU A 111 -16.00 27.47 -17.89
C GLU A 111 -16.44 28.47 -16.82
N PRO A 112 -17.27 29.46 -17.15
CA PRO A 112 -17.75 30.38 -16.11
C PRO A 112 -18.49 29.71 -14.97
N ALA A 113 -19.20 28.60 -15.23
CA ALA A 113 -19.93 27.92 -14.18
C ALA A 113 -19.02 27.35 -13.09
N LEU A 114 -17.71 27.30 -13.32
CA LEU A 114 -16.80 26.74 -12.33
C LEU A 114 -16.66 27.63 -11.10
N TYR A 115 -16.81 28.94 -11.27
CA TYR A 115 -16.28 29.91 -10.33
C TYR A 115 -17.36 30.51 -9.44
N TYR A 116 -17.08 30.57 -8.14
CA TYR A 116 -17.90 31.29 -7.19
C TYR A 116 -17.20 32.52 -6.61
N ASN A 117 -15.90 32.70 -6.89
CA ASN A 117 -15.14 33.87 -6.46
C ASN A 117 -14.73 34.66 -7.69
N TRP A 118 -15.24 35.88 -7.81
CA TRP A 118 -14.96 36.75 -8.95
C TRP A 118 -14.39 38.07 -8.47
N GLY A 119 -13.72 38.76 -9.39
CA GLY A 119 -13.31 40.13 -9.14
C GLY A 119 -14.42 41.11 -9.50
N GLN A 120 -14.21 42.37 -9.11
CA GLN A 120 -15.20 43.41 -9.40
C GLN A 120 -15.23 43.75 -10.88
N GLY A 121 -14.19 43.41 -11.63
CA GLY A 121 -14.15 43.70 -13.04
C GLY A 121 -13.37 44.97 -13.34
N THR A 122 -12.72 44.98 -14.50
CA THR A 122 -12.04 46.17 -14.99
C THR A 122 -12.49 46.40 -16.44
N GLN A 123 -12.68 47.67 -16.79
CA GLN A 123 -13.14 48.00 -18.13
C GLN A 123 -11.96 48.05 -19.09
N VAL A 124 -12.19 47.59 -20.31
CA VAL A 124 -11.19 47.65 -21.38
C VAL A 124 -11.90 48.12 -22.65
N THR A 125 -11.56 49.33 -23.11
CA THR A 125 -12.14 49.89 -24.32
C THR A 125 -11.07 50.00 -25.39
N VAL A 126 -11.41 49.57 -26.62
CA VAL A 126 -10.52 49.64 -27.77
C VAL A 126 -11.20 50.50 -28.83
N SER A 127 -10.50 51.51 -29.33
CA SER A 127 -11.03 52.42 -30.33
C SER A 127 -10.81 51.84 -31.73
N SER A 128 -11.82 51.98 -32.57
CA SER A 128 -11.77 51.42 -33.92
C SER A 128 -10.68 52.08 -34.74
N GLY A 129 -9.79 51.27 -35.31
CA GLY A 129 -8.71 51.78 -36.13
C GLY A 129 -8.96 51.59 -37.62
N SER B 6 -26.02 25.94 -6.81
CA SER B 6 -25.41 26.30 -5.53
C SER B 6 -24.30 25.32 -5.18
N GLN B 7 -24.66 24.06 -4.92
CA GLN B 7 -23.70 23.03 -4.57
C GLN B 7 -23.87 21.82 -5.48
N PHE B 8 -22.74 21.25 -5.90
CA PHE B 8 -22.70 20.10 -6.80
C PHE B 8 -21.68 19.13 -6.22
N THR B 9 -22.16 18.07 -5.59
CA THR B 9 -21.31 17.14 -4.84
C THR B 9 -21.53 15.71 -5.32
N CYS B 10 -20.45 15.01 -5.63
CA CYS B 10 -20.50 13.65 -6.13
C CYS B 10 -19.60 12.76 -5.29
N PHE B 11 -19.90 11.47 -5.28
CA PHE B 11 -19.08 10.51 -4.57
C PHE B 11 -18.98 9.24 -5.39
N TYR B 12 -17.89 8.52 -5.17
CA TYR B 12 -17.52 7.33 -5.92
C TYR B 12 -17.43 6.15 -4.97
N ASN B 13 -18.04 5.02 -5.36
CA ASN B 13 -18.11 3.89 -4.44
C ASN B 13 -16.87 2.99 -4.44
N SER B 14 -15.82 3.39 -5.16
CA SER B 14 -14.51 2.74 -5.35
C SER B 14 -14.50 1.75 -6.52
N ARG B 15 -15.65 1.49 -7.15
CA ARG B 15 -15.67 0.53 -8.26
C ARG B 15 -16.18 1.16 -9.55
N ALA B 16 -17.52 1.27 -9.71
CA ALA B 16 -18.07 1.70 -11.00
C ALA B 16 -19.35 2.51 -10.84
N ASN B 17 -19.47 3.28 -9.75
CA ASN B 17 -20.71 3.98 -9.43
C ASN B 17 -20.36 5.33 -8.85
N ILE B 18 -20.60 6.40 -9.62
CA ILE B 18 -20.52 7.77 -9.12
C ILE B 18 -21.94 8.29 -8.93
N SER B 19 -22.24 8.80 -7.74
CA SER B 19 -23.57 9.33 -7.43
C SER B 19 -23.44 10.83 -7.15
N CYS B 20 -24.25 11.63 -7.82
CA CYS B 20 -24.13 13.08 -7.75
C CYS B 20 -25.39 13.70 -7.16
N VAL B 21 -25.20 14.79 -6.41
CA VAL B 21 -26.32 15.56 -5.85
C VAL B 21 -26.14 17.01 -6.25
N TRP B 22 -27.22 17.62 -6.73
CA TRP B 22 -27.22 19.01 -7.15
C TRP B 22 -28.38 19.72 -6.47
N SER B 23 -28.11 20.92 -5.95
CA SER B 23 -29.15 21.75 -5.35
C SER B 23 -28.97 23.18 -5.81
N GLN B 24 -30.05 23.80 -6.28
CA GLN B 24 -30.01 25.15 -6.80
C GLN B 24 -31.17 25.95 -6.22
N ASP B 25 -30.97 27.27 -6.12
CA ASP B 25 -32.00 28.16 -5.61
C ASP B 25 -32.95 28.58 -6.73
N THR B 31 -36.31 22.87 -15.80
CA THR B 31 -36.43 21.89 -14.73
C THR B 31 -35.98 20.51 -15.19
N SER B 32 -35.45 20.45 -16.42
CA SER B 32 -34.92 19.23 -17.00
C SER B 32 -33.39 19.33 -17.02
N CYS B 33 -32.72 18.53 -16.19
CA CYS B 33 -31.28 18.65 -15.99
C CYS B 33 -30.61 17.29 -15.95
N GLN B 34 -29.35 17.27 -16.35
CA GLN B 34 -28.56 16.05 -16.46
C GLN B 34 -27.15 16.27 -15.92
N VAL B 35 -26.53 15.19 -15.46
CA VAL B 35 -25.10 15.17 -15.20
C VAL B 35 -24.42 14.51 -16.39
N HIS B 36 -23.45 15.20 -16.98
CA HIS B 36 -22.64 14.63 -18.05
C HIS B 36 -21.28 14.26 -17.47
N ALA B 37 -20.85 13.02 -17.72
CA ALA B 37 -19.58 12.50 -17.21
C ALA B 37 -18.62 12.33 -18.38
N TRP B 38 -17.46 12.97 -18.28
CA TRP B 38 -16.48 13.04 -19.36
C TRP B 38 -15.14 12.61 -18.77
N PRO B 39 -14.82 11.32 -18.81
CA PRO B 39 -13.52 10.86 -18.30
C PRO B 39 -12.41 11.18 -19.30
N ASP B 40 -11.36 11.84 -18.81
CA ASP B 40 -10.27 12.25 -19.68
C ASP B 40 -9.56 11.02 -20.25
N ARG B 41 -9.35 11.03 -21.57
CA ARG B 41 -8.54 10.02 -22.26
C ARG B 41 -9.14 8.61 -22.13
N ARG B 42 -10.45 8.51 -21.98
CA ARG B 42 -11.16 7.24 -22.05
C ARG B 42 -12.09 7.29 -23.27
N ARG B 43 -12.68 6.14 -23.61
CA ARG B 43 -13.40 6.02 -24.86
C ARG B 43 -14.92 6.05 -24.67
N TRP B 44 -15.41 6.51 -23.53
CA TRP B 44 -16.85 6.59 -23.32
C TRP B 44 -17.19 7.86 -22.55
N ASN B 45 -18.40 8.35 -22.77
CA ASN B 45 -19.05 9.36 -21.95
C ASN B 45 -20.38 8.80 -21.49
N GLN B 46 -20.97 9.45 -20.48
CA GLN B 46 -22.22 8.94 -19.93
C GLN B 46 -22.95 10.08 -19.23
N THR B 47 -24.29 10.02 -19.29
CA THR B 47 -25.13 10.98 -18.61
C THR B 47 -26.18 10.26 -17.77
N CYS B 48 -26.69 10.97 -16.76
CA CYS B 48 -27.86 10.53 -16.02
C CYS B 48 -28.82 11.71 -15.87
N GLU B 49 -30.11 11.40 -15.74
CA GLU B 49 -31.12 12.43 -15.56
C GLU B 49 -31.24 12.78 -14.09
N LEU B 50 -31.08 14.05 -13.76
CA LEU B 50 -31.21 14.51 -12.38
C LEU B 50 -32.68 14.48 -11.97
N LEU B 51 -33.00 13.72 -10.93
CA LEU B 51 -34.36 13.57 -10.46
C LEU B 51 -34.51 14.14 -9.04
N PRO B 52 -35.70 14.64 -8.70
CA PRO B 52 -35.91 15.19 -7.36
C PRO B 52 -35.69 14.14 -6.28
N VAL B 53 -34.97 14.53 -5.24
CA VAL B 53 -34.71 13.65 -4.10
C VAL B 53 -35.21 14.33 -2.83
N SER B 54 -35.23 15.66 -2.86
CA SER B 54 -35.79 16.46 -1.79
C SER B 54 -36.49 17.65 -2.45
N GLN B 55 -37.12 18.47 -1.62
CA GLN B 55 -37.66 19.72 -2.11
C GLN B 55 -36.53 20.62 -2.63
N ALA B 56 -35.32 20.43 -2.11
CA ALA B 56 -34.20 21.31 -2.37
C ALA B 56 -33.28 20.81 -3.48
N SER B 57 -33.07 19.50 -3.58
CA SER B 57 -31.99 18.97 -4.37
C SER B 57 -32.47 17.90 -5.34
N TRP B 58 -31.59 17.61 -6.31
CA TRP B 58 -31.74 16.56 -7.31
C TRP B 58 -30.54 15.64 -7.24
N ALA B 59 -30.70 14.42 -7.75
CA ALA B 59 -29.62 13.45 -7.76
C ALA B 59 -29.81 12.43 -8.87
N CYS B 60 -28.71 11.79 -9.27
CA CYS B 60 -28.74 10.62 -10.13
C CYS B 60 -27.38 9.94 -10.07
N ASN B 61 -27.35 8.69 -10.52
CA ASN B 61 -26.19 7.84 -10.46
C ASN B 61 -25.63 7.58 -11.85
N LEU B 62 -24.31 7.64 -11.96
CA LEU B 62 -23.60 7.27 -13.19
C LEU B 62 -23.04 5.87 -12.98
N ILE B 63 -23.65 4.88 -13.61
CA ILE B 63 -23.22 3.48 -13.47
C ILE B 63 -22.23 3.20 -14.59
N LEU B 64 -20.95 3.04 -14.23
CA LEU B 64 -19.86 2.97 -15.20
C LEU B 64 -19.62 1.57 -15.72
N GLY B 65 -20.28 0.56 -15.17
CA GLY B 65 -20.03 -0.81 -15.55
C GLY B 65 -20.60 -1.74 -14.50
N ALA B 66 -20.14 -3.00 -14.55
CA ALA B 66 -20.61 -4.01 -13.63
C ALA B 66 -20.29 -3.61 -12.18
N PRO B 67 -21.09 -4.10 -11.21
CA PRO B 67 -21.03 -3.51 -9.85
C PRO B 67 -19.70 -3.69 -9.15
N ASP B 68 -18.94 -4.75 -9.44
CA ASP B 68 -17.64 -4.95 -8.80
C ASP B 68 -16.48 -4.70 -9.76
N SER B 69 -16.71 -4.02 -10.87
CA SER B 69 -15.64 -3.77 -11.83
C SER B 69 -14.87 -2.52 -11.45
N GLN B 70 -13.56 -2.57 -11.61
CA GLN B 70 -12.71 -1.44 -11.28
C GLN B 70 -12.55 -0.53 -12.50
N MLY B 71 -13.54 0.34 -12.70
CA MLY B 71 -13.63 1.15 -13.92
CB MLY B 71 -15.07 1.63 -14.13
CG MLY B 71 -16.03 0.56 -14.65
CD MLY B 71 -15.55 -0.04 -15.97
CE MLY B 71 -15.42 1.01 -17.08
NZ MLY B 71 -15.78 0.49 -18.45
CH1 MLY B 71 -14.97 1.22 -19.44
CH2 MLY B 71 -15.35 -0.92 -18.56
C MLY B 71 -12.69 2.35 -13.91
O MLY B 71 -12.34 2.87 -14.97
N LEU B 72 -12.32 2.81 -12.72
CA LEU B 72 -11.46 3.98 -12.60
C LEU B 72 -10.25 3.67 -11.74
N THR B 73 -9.15 4.39 -11.97
CA THR B 73 -8.00 4.35 -11.08
C THR B 73 -7.58 5.76 -10.71
N THR B 74 -6.41 5.91 -10.07
CA THR B 74 -5.95 7.21 -9.61
C THR B 74 -5.41 8.09 -10.73
N VAL B 75 -5.25 7.57 -11.94
CA VAL B 75 -4.89 8.43 -13.07
C VAL B 75 -6.12 9.03 -13.74
N ASP B 76 -7.32 8.57 -13.38
CA ASP B 76 -8.52 9.04 -14.06
C ASP B 76 -8.93 10.41 -13.56
N ILE B 77 -9.45 11.23 -14.47
CA ILE B 77 -10.04 12.52 -14.16
C ILE B 77 -11.35 12.61 -14.91
N VAL B 78 -12.46 12.71 -14.18
CA VAL B 78 -13.80 12.73 -14.78
C VAL B 78 -14.33 14.16 -14.67
N THR B 79 -14.49 14.84 -15.79
CA THR B 79 -15.11 16.16 -15.75
C THR B 79 -16.62 15.98 -15.67
N LEU B 80 -17.22 16.53 -14.62
CA LEU B 80 -18.65 16.36 -14.35
C LEU B 80 -19.36 17.70 -14.51
N ARG B 81 -20.39 17.71 -15.36
CA ARG B 81 -21.14 18.91 -15.66
C ARG B 81 -22.61 18.70 -15.35
N VAL B 82 -23.23 19.69 -14.72
CA VAL B 82 -24.69 19.77 -14.68
C VAL B 82 -25.15 20.60 -15.87
N LEU B 83 -25.92 19.99 -16.76
CA LEU B 83 -26.49 20.65 -17.92
C LEU B 83 -28.00 20.73 -17.74
N CYS B 84 -28.58 21.89 -18.03
CA CYS B 84 -30.02 22.09 -17.93
C CYS B 84 -30.56 22.69 -19.21
N ARG B 85 -31.84 22.44 -19.47
CA ARG B 85 -32.47 22.88 -20.71
C ARG B 85 -32.90 24.34 -20.61
N GLU B 86 -32.29 25.18 -21.45
CA GLU B 86 -32.68 26.58 -21.58
C GLU B 86 -33.39 26.74 -22.93
N GLY B 87 -34.58 26.15 -23.02
CA GLY B 87 -35.28 26.05 -24.29
C GLY B 87 -34.75 24.88 -25.10
N VAL B 88 -34.11 25.16 -26.23
CA VAL B 88 -33.50 24.12 -27.05
C VAL B 88 -32.00 24.04 -26.86
N ARG B 89 -31.42 24.89 -26.00
CA ARG B 89 -30.00 24.86 -25.72
C ARG B 89 -29.75 24.35 -24.31
N TRP B 90 -28.62 23.67 -24.13
CA TRP B 90 -28.22 23.12 -22.84
C TRP B 90 -27.20 24.04 -22.19
N ARG B 91 -27.48 24.47 -20.97
CA ARG B 91 -26.64 25.43 -20.26
C ARG B 91 -25.86 24.73 -19.16
N VAL B 92 -24.58 25.04 -19.06
CA VAL B 92 -23.75 24.48 -18.00
C VAL B 92 -24.04 25.21 -16.70
N MET B 93 -24.60 24.49 -15.72
CA MET B 93 -24.97 25.08 -14.44
C MET B 93 -23.93 24.86 -13.35
N ALA B 94 -23.13 23.79 -13.45
CA ALA B 94 -22.09 23.50 -12.48
C ALA B 94 -21.10 22.56 -13.15
N ILE B 95 -19.87 22.53 -12.63
CA ILE B 95 -18.81 21.74 -13.24
C ILE B 95 -17.70 21.51 -12.22
N GLN B 96 -17.07 20.34 -12.31
CA GLN B 96 -15.89 20.03 -11.53
C GLN B 96 -15.08 18.97 -12.27
N ASP B 97 -13.76 19.07 -12.16
CA ASP B 97 -12.89 17.94 -12.44
C ASP B 97 -12.83 17.05 -11.20
N PHE B 98 -13.11 15.77 -11.39
CA PHE B 98 -13.41 14.84 -10.30
C PHE B 98 -12.30 13.79 -10.28
N LYS B 99 -11.45 13.84 -9.26
CA LYS B 99 -10.51 12.75 -9.03
C LYS B 99 -11.22 11.71 -8.17
N PRO B 100 -11.52 10.52 -8.69
CA PRO B 100 -12.46 9.62 -8.01
C PRO B 100 -12.02 9.20 -6.61
N PHE B 101 -10.75 8.87 -6.43
CA PHE B 101 -10.30 8.37 -5.13
C PHE B 101 -10.02 9.49 -4.13
N GLU B 102 -10.28 10.73 -4.50
CA GLU B 102 -10.37 11.83 -3.56
C GLU B 102 -11.78 12.06 -3.05
N ASN B 103 -12.75 11.25 -3.51
CA ASN B 103 -14.17 11.44 -3.18
C ASN B 103 -14.84 10.10 -2.93
N LEU B 104 -14.22 9.26 -2.12
CA LEU B 104 -14.77 7.92 -1.88
C LEU B 104 -15.92 7.98 -0.89
N ARG B 105 -16.95 7.18 -1.17
CA ARG B 105 -17.99 6.89 -0.18
C ARG B 105 -18.45 5.48 -0.52
N LEU B 106 -18.09 4.52 0.33
CA LEU B 106 -18.37 3.13 0.01
C LEU B 106 -19.85 2.84 0.21
N MET B 107 -20.25 1.67 -0.28
CA MET B 107 -21.55 1.13 0.06
C MET B 107 -21.60 0.76 1.54
N ALA B 108 -22.78 0.88 2.13
CA ALA B 108 -22.97 0.46 3.50
C ALA B 108 -22.61 -1.02 3.64
N PRO B 109 -21.97 -1.42 4.75
CA PRO B 109 -21.68 -2.84 4.96
C PRO B 109 -22.96 -3.68 4.88
N ILE B 110 -22.81 -4.89 4.38
CA ILE B 110 -23.95 -5.78 4.17
C ILE B 110 -23.66 -7.12 4.83
N SER B 111 -24.68 -7.98 4.82
CA SER B 111 -24.57 -9.35 5.31
C SER B 111 -24.18 -9.39 6.79
N LEU B 112 -24.75 -8.48 7.58
CA LEU B 112 -24.57 -8.54 9.02
C LEU B 112 -25.18 -9.82 9.57
N GLN B 113 -24.53 -10.40 10.57
CA GLN B 113 -25.09 -11.58 11.22
C GLN B 113 -24.48 -11.71 12.59
N VAL B 114 -25.29 -12.22 13.52
CA VAL B 114 -24.80 -12.54 14.86
C VAL B 114 -23.96 -13.80 14.76
N VAL B 115 -22.68 -13.69 15.07
CA VAL B 115 -21.83 -14.88 15.10
C VAL B 115 -22.03 -15.64 16.40
N HIS B 116 -22.18 -14.91 17.51
CA HIS B 116 -22.33 -15.52 18.82
C HIS B 116 -22.80 -14.47 19.82
N VAL B 117 -23.90 -14.73 20.50
CA VAL B 117 -24.44 -13.81 21.50
C VAL B 117 -24.41 -14.49 22.86
N GLU B 118 -24.08 -13.71 23.88
CA GLU B 118 -24.13 -14.19 25.26
C GLU B 118 -25.02 -13.27 26.09
N THR B 119 -24.73 -13.16 27.38
CA THR B 119 -25.55 -12.32 28.25
C THR B 119 -25.11 -10.86 28.25
N HIS B 120 -23.81 -10.59 28.09
CA HIS B 120 -23.30 -9.22 28.11
C HIS B 120 -22.53 -8.84 26.86
N ARG B 121 -22.34 -9.77 25.92
CA ARG B 121 -21.49 -9.52 24.78
C ARG B 121 -22.13 -10.13 23.54
N CYS B 122 -21.67 -9.66 22.38
CA CYS B 122 -22.17 -10.17 21.12
C CYS B 122 -21.10 -9.94 20.05
N ASN B 123 -20.78 -10.98 19.32
CA ASN B 123 -19.86 -10.89 18.19
C ASN B 123 -20.69 -10.81 16.91
N ILE B 124 -20.55 -9.72 16.19
CA ILE B 124 -21.27 -9.46 14.94
C ILE B 124 -20.26 -9.26 13.82
N SER B 125 -20.50 -9.90 12.68
CA SER B 125 -19.64 -9.74 11.51
C SER B 125 -20.43 -9.12 10.37
N TRP B 126 -19.69 -8.66 9.36
CA TRP B 126 -20.28 -8.00 8.20
C TRP B 126 -19.36 -8.18 7.01
N GLU B 127 -19.84 -7.71 5.85
CA GLU B 127 -19.10 -7.81 4.60
C GLU B 127 -18.98 -6.43 3.97
N ILE B 128 -17.86 -6.19 3.31
CA ILE B 128 -17.60 -4.95 2.59
C ILE B 128 -17.80 -5.24 1.10
N SER B 129 -18.84 -4.68 0.51
CA SER B 129 -19.18 -4.95 -0.88
C SER B 129 -18.67 -3.85 -1.80
N GLN B 130 -18.54 -4.21 -3.08
CA GLN B 130 -18.16 -3.28 -4.15
C GLN B 130 -16.92 -2.46 -3.77
N ALA B 131 -15.86 -3.18 -3.44
CA ALA B 131 -14.59 -2.57 -3.05
C ALA B 131 -13.51 -3.64 -3.15
N SER B 132 -12.35 -3.26 -3.67
CA SER B 132 -11.26 -4.20 -3.79
C SER B 132 -10.78 -4.62 -2.41
N HIS B 133 -10.19 -5.82 -2.35
CA HIS B 133 -9.58 -6.27 -1.11
C HIS B 133 -8.56 -5.28 -0.58
N TYR B 134 -7.97 -4.46 -1.46
CA TYR B 134 -7.07 -3.41 -1.00
C TYR B 134 -7.76 -2.51 0.01
N PHE B 135 -8.97 -2.05 -0.31
CA PHE B 135 -9.65 -1.12 0.57
C PHE B 135 -10.11 -1.75 1.87
N GLU B 136 -10.34 -3.07 1.89
CA GLU B 136 -10.70 -3.72 3.15
C GLU B 136 -9.60 -3.56 4.20
N ARG B 137 -8.35 -3.39 3.77
CA ARG B 137 -7.23 -3.26 4.68
C ARG B 137 -6.90 -1.82 5.07
N HIS B 138 -7.60 -0.85 4.49
CA HIS B 138 -7.35 0.57 4.76
C HIS B 138 -8.65 1.29 5.10
N LEU B 139 -9.39 0.72 6.05
CA LEU B 139 -10.70 1.20 6.46
C LEU B 139 -10.70 1.61 7.93
N GLU B 140 -11.69 2.44 8.24
CA GLU B 140 -12.10 2.78 9.59
C GLU B 140 -13.58 2.44 9.68
N PHE B 141 -14.01 1.92 10.83
CA PHE B 141 -15.40 1.53 11.04
C PHE B 141 -16.00 2.31 12.20
N GLU B 142 -17.32 2.48 12.17
CA GLU B 142 -18.07 3.03 13.28
C GLU B 142 -19.26 2.12 13.54
N ALA B 143 -19.48 1.75 14.80
CA ALA B 143 -20.57 0.87 15.18
C ALA B 143 -21.37 1.50 16.31
N ARG B 144 -22.69 1.32 16.26
CA ARG B 144 -23.57 1.83 17.31
C ARG B 144 -24.70 0.84 17.54
N THR B 145 -25.31 0.95 18.71
CA THR B 145 -26.36 0.04 19.14
C THR B 145 -27.60 0.82 19.56
N LEU B 146 -28.75 0.18 19.38
CA LEU B 146 -30.03 0.71 19.83
C LEU B 146 -30.56 -0.20 20.93
N SER B 147 -30.99 0.39 22.04
CA SER B 147 -31.49 -0.35 23.18
C SER B 147 -32.82 0.24 23.62
N PRO B 148 -33.64 -0.52 24.35
CA PRO B 148 -34.99 -0.04 24.65
C PRO B 148 -34.96 1.19 25.55
N GLY B 149 -35.76 2.18 25.18
CA GLY B 149 -35.77 3.45 25.88
C GLY B 149 -34.82 4.50 25.32
N HIS B 150 -34.01 4.17 24.32
CA HIS B 150 -33.03 5.11 23.79
C HIS B 150 -33.24 5.29 22.30
N THR B 151 -32.53 6.27 21.73
CA THR B 151 -32.57 6.59 20.31
C THR B 151 -31.25 6.22 19.65
N TRP B 152 -31.26 6.23 18.32
CA TRP B 152 -30.01 6.01 17.58
C TRP B 152 -29.03 7.14 17.83
N GLU B 153 -29.52 8.36 18.04
CA GLU B 153 -28.62 9.48 18.32
C GLU B 153 -27.94 9.32 19.68
N GLU B 154 -28.63 8.74 20.67
CA GLU B 154 -28.05 8.49 21.98
C GLU B 154 -27.19 7.24 22.03
N ALA B 155 -27.03 6.55 20.91
CA ALA B 155 -26.33 5.29 20.90
C ALA B 155 -24.87 5.49 21.33
N PRO B 156 -24.32 4.61 22.17
CA PRO B 156 -22.87 4.60 22.35
C PRO B 156 -22.22 4.28 21.01
N LEU B 157 -21.20 5.07 20.67
CA LEU B 157 -20.51 4.94 19.40
C LEU B 157 -19.13 4.35 19.63
N LEU B 158 -18.72 3.44 18.75
CA LEU B 158 -17.38 2.87 18.75
C LEU B 158 -16.77 3.10 17.37
N THR B 159 -15.55 3.64 17.34
CA THR B 159 -14.81 3.89 16.12
C THR B 159 -13.52 3.08 16.14
N LEU B 160 -13.19 2.45 15.03
CA LEU B 160 -12.12 1.46 15.04
C LEU B 160 -11.34 1.50 13.73
N LYS B 161 -10.02 1.65 13.82
CA LYS B 161 -9.11 1.54 12.67
C LYS B 161 -8.50 0.14 12.72
N GLN B 162 -9.07 -0.79 11.95
CA GLN B 162 -8.62 -2.17 11.99
C GLN B 162 -8.98 -2.85 10.69
N LYS B 163 -8.19 -3.86 10.33
CA LYS B 163 -8.50 -4.78 9.23
C LYS B 163 -9.22 -5.96 9.87
N GLN B 164 -10.53 -5.81 10.01
CA GLN B 164 -11.35 -6.83 10.66
C GLN B 164 -12.81 -6.46 10.41
N GLU B 165 -13.57 -7.42 9.90
CA GLU B 165 -14.97 -7.21 9.57
C GLU B 165 -15.89 -7.89 10.59
N TRP B 166 -15.50 -7.79 11.86
CA TRP B 166 -16.33 -8.23 12.97
C TRP B 166 -16.04 -7.35 14.17
N ILE B 167 -16.93 -7.41 15.15
CA ILE B 167 -16.75 -6.66 16.38
C ILE B 167 -17.44 -7.41 17.50
N CYS B 168 -16.77 -7.50 18.64
CA CYS B 168 -17.36 -8.12 19.83
C CYS B 168 -17.76 -6.99 20.77
N LEU B 169 -19.05 -6.68 20.78
CA LEU B 169 -19.58 -5.67 21.69
C LEU B 169 -19.50 -6.15 23.14
N GLU B 170 -19.08 -5.26 24.03
CA GLU B 170 -18.96 -5.58 25.45
C GLU B 170 -19.94 -4.79 26.32
N THR B 171 -20.74 -3.93 25.72
CA THR B 171 -21.47 -2.89 26.43
C THR B 171 -22.89 -3.29 26.80
N LEU B 172 -23.24 -4.57 26.66
CA LEU B 172 -24.62 -5.03 26.70
C LEU B 172 -25.05 -5.45 28.10
N THR B 173 -26.40 -5.52 28.29
CA THR B 173 -27.10 -6.03 29.46
C THR B 173 -27.89 -7.29 29.10
N PRO B 174 -28.07 -8.21 30.06
CA PRO B 174 -28.69 -9.51 29.74
C PRO B 174 -30.16 -9.38 29.32
N ASP B 175 -30.59 -10.34 28.49
CA ASP B 175 -31.99 -10.61 28.16
C ASP B 175 -32.68 -9.43 27.46
N THR B 176 -31.94 -8.63 26.69
CA THR B 176 -32.43 -7.37 26.15
C THR B 176 -32.41 -7.35 24.63
N GLN B 177 -33.44 -6.74 24.02
CA GLN B 177 -33.46 -6.54 22.58
C GLN B 177 -32.54 -5.40 22.17
N TYR B 178 -31.75 -5.63 21.12
CA TYR B 178 -30.85 -4.62 20.57
C TYR B 178 -30.98 -4.54 19.06
N GLU B 179 -30.53 -3.41 18.51
CA GLU B 179 -30.21 -3.33 17.11
C GLU B 179 -28.80 -2.77 16.97
N PHE B 180 -28.12 -3.18 15.92
CA PHE B 180 -26.72 -2.84 15.65
C PHE B 180 -26.61 -2.29 14.24
N GLN B 181 -25.86 -1.20 14.08
CA GLN B 181 -25.51 -0.68 12.76
C GLN B 181 -24.02 -0.42 12.67
N VAL B 182 -23.47 -0.51 11.45
CA VAL B 182 -22.05 -0.25 11.21
C VAL B 182 -21.90 0.52 9.89
N ARG B 183 -20.91 1.41 9.86
CA ARG B 183 -20.56 2.15 8.65
C ARG B 183 -19.04 2.21 8.51
N VAL B 184 -18.61 2.45 7.27
CA VAL B 184 -17.20 2.36 6.87
C VAL B 184 -16.70 3.63 6.17
N MLY B 185 -15.39 3.86 6.27
CA MLY B 185 -14.75 5.02 5.64
CB MLY B 185 -14.79 6.25 6.55
CG MLY B 185 -14.83 7.56 5.78
CD MLY B 185 -13.91 8.63 6.32
CE MLY B 185 -14.37 9.21 7.63
NZ MLY B 185 -13.43 10.28 8.08
CH1 MLY B 185 -13.58 11.40 7.13
CH2 MLY B 185 -13.91 10.75 9.38
C MLY B 185 -13.31 4.67 5.33
O MLY B 185 -12.54 4.34 6.24
N PRO B 186 -12.92 4.73 4.04
CA PRO B 186 -11.51 4.51 3.68
C PRO B 186 -10.63 5.59 4.29
N LEU B 187 -9.38 5.26 4.60
CA LEU B 187 -8.44 6.20 5.19
C LEU B 187 -7.70 7.03 4.14
N GLN B 188 -8.28 7.22 2.96
CA GLN B 188 -7.61 7.98 1.91
C GLN B 188 -8.61 8.83 1.16
N GLY B 189 -8.12 9.92 0.57
CA GLY B 189 -8.96 10.82 -0.20
C GLY B 189 -9.35 12.06 0.55
N GLU B 190 -9.13 13.23 -0.05
CA GLU B 190 -9.35 14.49 0.66
C GLU B 190 -10.81 14.66 1.08
N PHE B 191 -11.75 14.29 0.21
CA PHE B 191 -13.17 14.52 0.44
C PHE B 191 -13.94 13.24 0.78
N THR B 192 -13.22 12.15 1.04
CA THR B 192 -13.84 10.88 1.42
C THR B 192 -14.73 11.06 2.65
N THR B 193 -15.90 10.42 2.63
CA THR B 193 -16.87 10.50 3.72
C THR B 193 -17.34 9.10 4.12
N TRP B 194 -18.01 9.06 5.28
CA TRP B 194 -18.61 7.82 5.77
C TRP B 194 -19.67 7.29 4.81
N SER B 195 -19.69 5.96 4.67
CA SER B 195 -20.80 5.30 4.01
C SER B 195 -22.08 5.53 4.81
N PRO B 196 -23.26 5.29 4.21
CA PRO B 196 -24.47 5.22 5.02
C PRO B 196 -24.35 4.11 6.05
N TRP B 197 -25.20 4.18 7.08
CA TRP B 197 -25.26 3.10 8.04
C TRP B 197 -25.84 1.86 7.40
N SER B 198 -25.34 0.70 7.83
CA SER B 198 -25.92 -0.56 7.40
C SER B 198 -27.37 -0.65 7.85
N GLN B 199 -28.10 -1.56 7.22
CA GLN B 199 -29.40 -1.93 7.75
C GLN B 199 -29.22 -2.44 9.18
N PRO B 200 -30.10 -2.08 10.12
CA PRO B 200 -29.89 -2.49 11.51
C PRO B 200 -30.11 -3.98 11.68
N LEU B 201 -29.24 -4.60 12.49
CA LEU B 201 -29.30 -6.03 12.78
C LEU B 201 -29.90 -6.22 14.16
N ALA B 202 -31.02 -6.94 14.21
CA ALA B 202 -31.72 -7.18 15.47
C ALA B 202 -31.20 -8.46 16.13
N PHE B 203 -31.03 -8.41 17.45
CA PHE B 203 -30.65 -9.58 18.21
C PHE B 203 -31.08 -9.36 19.66
N ARG B 204 -31.06 -10.44 20.44
CA ARG B 204 -31.42 -10.39 21.85
C ARG B 204 -30.34 -11.09 22.66
N THR B 205 -29.87 -10.44 23.72
CA THR B 205 -28.89 -11.07 24.61
C THR B 205 -29.56 -12.18 25.41
N LYS B 206 -28.73 -13.13 25.84
CA LYS B 206 -29.25 -14.28 26.57
C LYS B 206 -29.68 -13.86 27.98
N PRO B 207 -30.55 -14.64 28.62
CA PRO B 207 -30.89 -14.36 30.01
C PRO B 207 -29.72 -14.61 30.95
N ALA B 208 -29.68 -13.83 32.02
CA ALA B 208 -28.64 -14.01 33.02
C ALA B 208 -28.80 -15.38 33.68
N ALA B 209 -27.68 -16.08 33.83
CA ALA B 209 -27.70 -17.41 34.43
C ALA B 209 -27.48 -17.33 35.94
N VAL C 2 15.33 -35.70 -0.98
CA VAL C 2 14.95 -36.07 0.38
C VAL C 2 14.98 -37.59 0.55
N GLN C 3 15.99 -38.08 1.26
CA GLN C 3 16.16 -39.52 1.44
C GLN C 3 17.07 -39.73 2.67
N LEU C 4 16.45 -40.01 3.81
CA LEU C 4 17.15 -40.21 5.07
C LEU C 4 16.72 -41.52 5.69
N GLN C 5 17.68 -42.38 6.01
CA GLN C 5 17.41 -43.70 6.58
C GLN C 5 18.48 -44.03 7.60
N GLU C 6 18.12 -44.00 8.88
CA GLU C 6 19.03 -44.41 9.94
C GLU C 6 19.28 -45.91 9.87
N SER C 7 20.18 -46.37 10.72
CA SER C 7 20.59 -47.76 10.80
C SER C 7 21.53 -47.89 11.99
N GLY C 8 21.82 -49.14 12.37
CA GLY C 8 22.81 -49.42 13.38
C GLY C 8 22.30 -49.46 14.80
N GLY C 9 21.01 -49.24 15.04
CA GLY C 9 20.49 -49.27 16.39
C GLY C 9 20.23 -50.69 16.88
N GLY C 10 20.35 -50.87 18.19
CA GLY C 10 20.09 -52.15 18.79
C GLY C 10 20.13 -52.07 20.30
N SER C 11 20.13 -53.24 20.93
CA SER C 11 20.18 -53.37 22.38
C SER C 11 21.59 -53.79 22.79
N VAL C 12 22.19 -53.03 23.71
CA VAL C 12 23.56 -53.28 24.17
C VAL C 12 23.58 -53.17 25.69
N GLN C 13 24.71 -53.59 26.27
CA GLN C 13 24.87 -53.54 27.71
C GLN C 13 25.34 -52.16 28.16
N ALA C 14 25.24 -51.92 29.47
CA ALA C 14 25.79 -50.70 30.04
C ALA C 14 27.30 -50.66 29.85
N GLY C 15 27.81 -49.50 29.44
CA GLY C 15 29.22 -49.35 29.15
C GLY C 15 29.63 -49.79 27.75
N GLY C 16 28.74 -50.44 27.02
CA GLY C 16 29.03 -50.80 25.64
C GLY C 16 29.00 -49.59 24.72
N SER C 17 29.18 -49.85 23.43
CA SER C 17 29.27 -48.80 22.43
C SER C 17 28.47 -49.21 21.20
N LEU C 18 28.14 -48.22 20.37
CA LEU C 18 27.37 -48.46 19.16
C LEU C 18 27.67 -47.36 18.15
N ARG C 19 27.43 -47.68 16.88
CA ARG C 19 27.72 -46.77 15.77
C ARG C 19 26.50 -46.73 14.84
N LEU C 20 25.75 -45.65 14.90
CA LEU C 20 24.61 -45.47 14.01
C LEU C 20 25.06 -44.89 12.68
N SER C 21 24.53 -45.45 11.60
CA SER C 21 24.69 -44.90 10.27
C SER C 21 23.40 -44.23 9.83
N CYS C 22 23.53 -43.22 8.98
CA CYS C 22 22.38 -42.53 8.40
C CYS C 22 22.71 -42.29 6.93
N ALA C 23 21.99 -42.96 6.03
CA ALA C 23 22.23 -42.84 4.60
C ALA C 23 21.50 -41.61 4.07
N ALA C 24 22.25 -40.72 3.44
CA ALA C 24 21.72 -39.51 2.84
C ALA C 24 22.11 -39.46 1.37
N SER C 25 21.73 -38.38 0.70
CA SER C 25 22.09 -38.19 -0.69
C SER C 25 23.51 -37.63 -0.80
N SER C 26 23.96 -37.42 -2.03
CA SER C 26 25.31 -36.90 -2.24
C SER C 26 25.40 -35.42 -1.89
N TYR C 27 24.41 -34.63 -2.30
CA TYR C 27 24.44 -33.19 -2.06
C TYR C 27 24.37 -32.87 -0.57
N THR C 28 23.52 -33.59 0.18
CA THR C 28 23.31 -33.27 1.58
C THR C 28 24.58 -33.47 2.40
N ILE C 29 25.30 -34.56 2.16
CA ILE C 29 26.51 -34.88 2.90
C ILE C 29 27.61 -33.83 2.71
N SER C 30 27.48 -32.95 1.72
CA SER C 30 28.52 -31.98 1.45
C SER C 30 28.06 -30.53 1.56
N SER C 31 26.78 -30.26 1.81
CA SER C 31 26.29 -28.89 1.67
C SER C 31 25.54 -28.38 2.88
N VAL C 32 24.85 -29.26 3.61
CA VAL C 32 23.84 -28.82 4.58
C VAL C 32 24.19 -29.32 5.97
N CYS C 33 23.64 -28.62 6.97
CA CYS C 33 23.76 -29.06 8.36
C CYS C 33 23.03 -30.39 8.56
N MET C 34 23.57 -31.21 9.46
CA MET C 34 22.93 -32.45 9.87
C MET C 34 23.04 -32.59 11.38
N GLY C 35 22.27 -33.52 11.92
CA GLY C 35 22.28 -33.73 13.35
C GLY C 35 21.69 -35.07 13.75
N TRP C 36 22.03 -35.49 14.96
CA TRP C 36 21.41 -36.64 15.60
C TRP C 36 20.58 -36.17 16.77
N PHE C 37 19.40 -36.78 16.92
CA PHE C 37 18.46 -36.40 17.96
C PHE C 37 17.92 -37.66 18.62
N ARG C 38 17.46 -37.53 19.85
CA ARG C 38 16.86 -38.65 20.56
C ARG C 38 15.58 -38.20 21.22
N GLN C 39 14.63 -39.14 21.31
CA GLN C 39 13.31 -38.91 21.88
C GLN C 39 13.09 -39.98 22.93
N ALA C 40 13.29 -39.63 24.20
CA ALA C 40 13.05 -40.55 25.28
C ALA C 40 11.56 -40.80 25.46
N PRO C 41 11.17 -41.90 26.08
CA PRO C 41 9.73 -42.16 26.31
C PRO C 41 9.12 -41.06 27.17
N GLY C 42 8.15 -40.34 26.58
CA GLY C 42 7.47 -39.28 27.28
C GLY C 42 8.17 -37.94 27.25
N LYS C 43 9.31 -37.81 26.58
CA LYS C 43 10.02 -36.56 26.47
C LYS C 43 9.90 -36.03 25.04
N GLU C 44 10.47 -34.85 24.82
CA GLU C 44 10.53 -34.24 23.50
C GLU C 44 11.92 -34.46 22.90
N ARG C 45 11.98 -34.45 21.57
CA ARG C 45 13.24 -34.59 20.85
C ARG C 45 14.26 -33.58 21.33
N GLU C 46 15.43 -34.08 21.76
CA GLU C 46 16.54 -33.24 22.17
C GLU C 46 17.71 -33.43 21.22
N GLY C 47 18.47 -32.36 21.03
CA GLY C 47 19.66 -32.45 20.20
C GLY C 47 20.73 -33.28 20.88
N VAL C 48 21.34 -34.18 20.11
CA VAL C 48 22.41 -35.04 20.58
C VAL C 48 23.76 -34.62 19.99
N ALA C 49 23.81 -34.47 18.67
CA ALA C 49 25.03 -34.05 17.99
C ALA C 49 24.65 -33.31 16.72
N GLY C 50 25.48 -32.34 16.34
CA GLY C 50 25.26 -31.59 15.12
C GLY C 50 26.56 -31.33 14.41
N ILE C 51 26.48 -31.26 13.08
CA ILE C 51 27.65 -31.02 12.24
C ILE C 51 27.27 -30.01 11.16
N ALA C 52 28.10 -28.97 11.01
CA ALA C 52 27.88 -27.87 10.08
C ALA C 52 28.52 -28.18 8.73
N PRO C 53 28.15 -27.42 7.68
CA PRO C 53 28.77 -27.68 6.36
C PRO C 53 30.29 -27.59 6.35
N ASP C 54 30.88 -26.71 7.15
CA ASP C 54 32.34 -26.62 7.19
C ASP C 54 32.97 -27.73 8.03
N GLY C 55 32.17 -28.60 8.63
CA GLY C 55 32.66 -29.76 9.34
C GLY C 55 32.74 -29.61 10.84
N SER C 56 32.57 -28.41 11.39
CA SER C 56 32.60 -28.23 12.83
C SER C 56 31.41 -28.91 13.48
N THR C 57 31.57 -29.31 14.74
CA THR C 57 30.64 -30.19 15.41
C THR C 57 30.18 -29.59 16.74
N GLY C 58 29.05 -30.08 17.21
CA GLY C 58 28.54 -29.70 18.52
C GLY C 58 27.78 -30.85 19.13
N TYR C 59 27.72 -30.86 20.47
CA TYR C 59 27.11 -31.97 21.19
C TYR C 59 26.27 -31.46 22.34
N GLY C 60 25.20 -32.20 22.64
CA GLY C 60 24.44 -31.92 23.84
C GLY C 60 25.26 -32.14 25.09
N ASP C 61 24.90 -31.42 26.15
CA ASP C 61 25.71 -31.44 27.37
C ASP C 61 25.87 -32.86 27.92
N SER C 62 24.83 -33.68 27.81
CA SER C 62 24.86 -34.99 28.45
C SER C 62 25.78 -35.97 27.75
N VAL C 63 25.93 -35.86 26.42
CA VAL C 63 26.69 -36.83 25.65
C VAL C 63 28.08 -36.31 25.25
N LYS C 64 28.53 -35.22 25.88
CA LYS C 64 29.80 -34.62 25.49
C LYS C 64 30.96 -35.54 25.87
N GLY C 65 31.87 -35.75 24.92
CA GLY C 65 33.03 -36.59 25.12
C GLY C 65 32.83 -38.00 24.61
N ARG C 66 31.67 -38.57 24.92
CA ARG C 66 31.43 -39.97 24.58
C ARG C 66 30.94 -40.14 23.15
N PHE C 67 30.13 -39.20 22.67
CA PHE C 67 29.55 -39.28 21.34
C PHE C 67 30.43 -38.54 20.33
N THR C 68 30.37 -38.99 19.08
CA THR C 68 31.14 -38.38 18.01
C THR C 68 30.34 -38.43 16.72
N ILE C 69 29.98 -37.26 16.20
CA ILE C 69 29.30 -37.17 14.91
C ILE C 69 30.35 -37.02 13.81
N SER C 70 30.14 -37.72 12.71
CA SER C 70 31.09 -37.69 11.60
C SER C 70 30.39 -37.91 10.27
N MLY C 71 31.11 -37.65 9.18
CA MLY C 71 30.54 -37.76 7.85
CB MLY C 71 30.14 -36.39 7.31
CG MLY C 71 28.65 -36.19 7.17
CD MLY C 71 28.34 -34.96 6.33
CE MLY C 71 29.13 -33.75 6.82
NZ MLY C 71 28.85 -32.56 5.97
CH1 MLY C 71 27.46 -32.18 6.21
CH2 MLY C 71 29.71 -31.47 6.47
C MLY C 71 31.51 -38.43 6.87
O MLY C 71 32.73 -38.34 7.02
N ASP C 72 30.94 -39.07 5.85
CA ASP C 72 31.73 -39.67 4.78
C ASP C 72 31.14 -39.27 3.45
N ASN C 73 31.83 -38.37 2.73
CA ASN C 73 31.32 -37.89 1.45
C ASN C 73 31.29 -38.99 0.40
N ALA C 74 32.24 -39.93 0.46
CA ALA C 74 32.27 -41.00 -0.52
C ALA C 74 31.14 -42.00 -0.28
N LYS C 75 30.89 -42.37 0.97
CA LYS C 75 29.84 -43.32 1.30
C LYS C 75 28.48 -42.66 1.46
N ASN C 76 28.40 -41.33 1.39
CA ASN C 76 27.15 -40.60 1.51
C ASN C 76 26.41 -40.98 2.81
N THR C 77 27.14 -40.96 3.91
CA THR C 77 26.60 -41.48 5.16
C THR C 77 27.01 -40.61 6.34
N LEU C 78 26.05 -40.35 7.22
CA LEU C 78 26.28 -39.67 8.50
C LEU C 78 26.43 -40.71 9.60
N TYR C 79 27.33 -40.44 10.54
CA TYR C 79 27.65 -41.41 11.60
C TYR C 79 27.52 -40.78 12.97
N LEU C 80 26.99 -41.55 13.91
CA LEU C 80 27.04 -41.21 15.34
C LEU C 80 27.69 -42.37 16.07
N GLN C 81 28.92 -42.16 16.52
CA GLN C 81 29.62 -43.14 17.33
C GLN C 81 29.39 -42.82 18.81
N MET C 82 28.75 -43.73 19.52
CA MET C 82 28.47 -43.57 20.94
C MET C 82 29.35 -44.53 21.74
N ASN C 83 29.99 -44.02 22.79
CA ASN C 83 30.79 -44.83 23.68
C ASN C 83 30.32 -44.65 25.11
N SER C 84 30.59 -45.66 25.94
CA SER C 84 30.31 -45.62 27.37
C SER C 84 28.83 -45.30 27.63
N LEU C 85 27.95 -46.08 26.99
CA LEU C 85 26.52 -45.83 27.06
C LEU C 85 26.00 -46.04 28.47
N LYS C 86 25.21 -45.07 28.95
CA LYS C 86 24.52 -45.13 30.22
C LYS C 86 23.05 -45.41 30.00
N PRO C 87 22.33 -45.89 31.03
CA PRO C 87 20.88 -46.08 30.87
C PRO C 87 20.12 -44.81 30.50
N GLU C 88 20.75 -43.63 30.59
CA GLU C 88 20.09 -42.41 30.16
C GLU C 88 19.97 -42.32 28.64
N ASP C 89 20.77 -43.09 27.91
CA ASP C 89 20.83 -42.98 26.46
C ASP C 89 19.75 -43.78 25.74
N THR C 90 18.99 -44.62 26.45
CA THR C 90 17.93 -45.37 25.79
C THR C 90 16.88 -44.40 25.27
N ALA C 91 16.60 -44.49 23.97
CA ALA C 91 15.68 -43.60 23.27
C ALA C 91 15.63 -44.03 21.81
N MET C 92 14.74 -43.40 21.06
CA MET C 92 14.68 -43.54 19.61
C MET C 92 15.55 -42.44 19.00
N TYR C 93 16.54 -42.83 18.20
CA TYR C 93 17.52 -41.89 17.66
C TYR C 93 17.21 -41.57 16.20
N TYR C 94 17.19 -40.28 15.88
CA TYR C 94 16.84 -39.78 14.55
C TYR C 94 17.99 -39.01 13.95
N CYS C 95 18.15 -39.10 12.64
CA CYS C 95 19.01 -38.19 11.90
C CYS C 95 18.16 -37.24 11.07
N ALA C 96 18.70 -36.07 10.79
CA ALA C 96 17.96 -35.02 10.11
C ALA C 96 18.92 -34.16 9.29
N ALA C 97 18.38 -33.58 8.22
CA ALA C 97 19.14 -32.72 7.32
C ALA C 97 18.43 -31.38 7.16
N ALA C 98 19.20 -30.31 7.08
CA ALA C 98 18.67 -28.97 6.98
C ALA C 98 18.60 -28.51 5.53
N SER C 99 17.88 -27.42 5.32
CA SER C 99 17.80 -26.82 4.00
C SER C 99 19.09 -26.05 3.70
N PRO C 100 19.52 -26.01 2.44
CA PRO C 100 20.80 -25.37 2.12
C PRO C 100 20.74 -23.87 2.36
N GLY C 101 21.84 -23.32 2.85
CA GLY C 101 22.01 -21.91 3.09
C GLY C 101 21.37 -21.37 4.35
N ARG C 102 20.76 -22.23 5.16
CA ARG C 102 20.02 -21.80 6.35
CA ARG C 102 20.04 -21.77 6.35
C ARG C 102 20.74 -22.14 7.65
N CYS C 103 21.88 -22.82 7.59
CA CYS C 103 22.57 -23.22 8.82
C CYS C 103 24.07 -23.29 8.57
N PHE C 104 24.84 -22.64 9.44
CA PHE C 104 26.29 -22.62 9.32
C PHE C 104 27.02 -22.95 10.60
N LEU C 105 26.33 -22.99 11.75
CA LEU C 105 26.95 -23.18 13.05
C LEU C 105 26.46 -24.48 13.68
N PRO C 106 27.36 -25.24 14.32
CA PRO C 106 26.93 -26.50 14.95
C PRO C 106 25.88 -26.32 16.04
N ARG C 107 25.91 -25.20 16.77
CA ARG C 107 24.88 -25.00 17.80
C ARG C 107 23.50 -24.87 17.16
N THR C 108 23.43 -24.28 15.96
CA THR C 108 22.16 -24.23 15.25
C THR C 108 21.75 -25.61 14.76
N ALA C 109 22.72 -26.42 14.33
CA ALA C 109 22.45 -27.77 13.86
C ALA C 109 21.97 -28.69 14.98
N LEU C 110 22.06 -28.25 16.23
CA LEU C 110 21.57 -29.02 17.37
C LEU C 110 20.11 -28.73 17.71
N GLU C 111 19.49 -27.76 17.04
CA GLU C 111 18.12 -27.38 17.34
C GLU C 111 17.16 -28.20 16.49
N PRO C 112 16.25 -28.96 17.11
CA PRO C 112 15.27 -29.71 16.30
C PRO C 112 14.37 -28.84 15.44
N ALA C 113 14.11 -27.60 15.86
CA ALA C 113 13.27 -26.71 15.06
C ALA C 113 13.87 -26.38 13.69
N LEU C 114 15.16 -26.67 13.48
CA LEU C 114 15.79 -26.36 12.20
C LEU C 114 15.31 -27.28 11.08
N TYR C 115 14.94 -28.50 11.41
CA TYR C 115 14.83 -29.58 10.44
C TYR C 115 13.39 -29.87 10.07
N TYR C 116 13.12 -29.91 8.76
CA TYR C 116 11.87 -30.45 8.23
C TYR C 116 12.05 -31.82 7.60
N ASN C 117 13.29 -32.26 7.39
CA ASN C 117 13.59 -33.55 6.77
C ASN C 117 14.17 -34.47 7.84
N TRP C 118 13.42 -35.50 8.19
CA TRP C 118 13.82 -36.46 9.22
C TRP C 118 13.84 -37.86 8.64
N GLY C 119 14.49 -38.76 9.37
CA GLY C 119 14.40 -40.17 9.10
C GLY C 119 13.26 -40.81 9.88
N GLN C 120 13.29 -42.13 9.95
CA GLN C 120 12.28 -42.87 10.71
C GLN C 120 12.76 -43.28 12.10
N GLY C 121 14.06 -43.25 12.35
CA GLY C 121 14.61 -43.53 13.66
C GLY C 121 14.89 -45.00 13.88
N THR C 122 15.92 -45.27 14.68
CA THR C 122 16.23 -46.62 15.15
C THR C 122 16.29 -46.61 16.66
N GLN C 123 15.80 -47.69 17.27
CA GLN C 123 15.75 -47.80 18.71
C GLN C 123 17.11 -48.18 19.28
N VAL C 124 17.48 -47.54 20.38
CA VAL C 124 18.68 -47.88 21.14
C VAL C 124 18.25 -48.05 22.59
N THR C 125 18.30 -49.29 23.09
CA THR C 125 18.01 -49.60 24.48
C THR C 125 19.30 -50.01 25.18
N VAL C 126 19.57 -49.39 26.32
CA VAL C 126 20.76 -49.67 27.12
C VAL C 126 20.33 -50.32 28.42
N SER C 127 20.95 -51.46 28.74
CA SER C 127 20.69 -52.14 30.00
C SER C 127 21.49 -51.50 31.12
N SER C 128 21.24 -51.96 32.34
CA SER C 128 21.94 -51.45 33.52
C SER C 128 22.87 -52.51 34.11
N SER D 6 6.03 -23.25 9.83
CA SER D 6 6.16 -23.67 8.44
C SER D 6 7.25 -22.89 7.71
N GLN D 7 7.04 -21.58 7.53
CA GLN D 7 7.96 -20.74 6.77
C GLN D 7 8.40 -19.54 7.60
N PHE D 8 9.71 -19.29 7.61
CA PHE D 8 10.33 -18.22 8.39
C PHE D 8 11.32 -17.53 7.47
N THR D 9 10.96 -16.33 6.98
CA THR D 9 11.74 -15.63 5.97
C THR D 9 12.05 -14.23 6.44
N CYS D 10 13.32 -13.83 6.34
CA CYS D 10 13.76 -12.50 6.76
C CYS D 10 14.56 -11.84 5.64
N PHE D 11 14.65 -10.51 5.70
CA PHE D 11 15.37 -9.75 4.70
C PHE D 11 16.04 -8.56 5.37
N TYR D 12 17.15 -8.14 4.79
CA TYR D 12 18.03 -7.10 5.32
C TYR D 12 18.06 -5.93 4.35
N ASN D 13 17.94 -4.70 4.85
CA ASN D 13 17.89 -3.57 3.94
C ASN D 13 19.27 -3.03 3.54
N SER D 14 20.35 -3.72 3.92
CA SER D 14 21.77 -3.45 3.64
C SER D 14 22.42 -2.57 4.70
N ARG D 15 21.66 -2.04 5.65
CA ARG D 15 22.23 -1.17 6.67
C ARG D 15 22.00 -1.71 8.09
N ALA D 16 20.81 -1.48 8.66
CA ALA D 16 20.60 -1.78 10.08
C ALA D 16 19.17 -2.25 10.37
N ASN D 17 18.52 -2.88 9.40
CA ASN D 17 17.10 -3.25 9.52
C ASN D 17 16.91 -4.64 8.94
N ILE D 18 16.63 -5.62 9.80
CA ILE D 18 16.23 -6.96 9.40
C ILE D 18 14.75 -7.12 9.70
N SER D 19 13.95 -7.39 8.66
CA SER D 19 12.51 -7.61 8.83
C SER D 19 12.20 -9.09 8.62
N CYS D 20 11.41 -9.67 9.51
CA CYS D 20 11.10 -11.09 9.46
C CYS D 20 9.59 -11.31 9.33
N VAL D 21 9.23 -12.38 8.62
CA VAL D 21 7.85 -12.81 8.52
C VAL D 21 7.80 -14.28 8.92
N TRP D 22 6.78 -14.63 9.70
CA TRP D 22 6.59 -16.00 10.14
C TRP D 22 5.14 -16.41 9.89
N SER D 23 4.96 -17.58 9.30
CA SER D 23 3.64 -18.17 9.11
C SER D 23 3.65 -19.58 9.66
N GLN D 24 2.56 -19.97 10.30
CA GLN D 24 2.47 -21.25 10.99
C GLN D 24 1.04 -21.73 10.98
N ASP D 25 0.87 -23.05 10.86
CA ASP D 25 -0.44 -23.70 10.94
C ASP D 25 -0.67 -24.09 12.40
N GLY D 26 -1.49 -23.32 13.10
CA GLY D 26 -1.76 -23.60 14.50
C GLY D 26 -2.78 -22.69 15.14
N ALA D 27 -2.35 -21.91 16.14
CA ALA D 27 -3.28 -21.08 16.89
C ALA D 27 -3.86 -19.96 16.04
N LEU D 28 -3.06 -19.41 15.11
CA LEU D 28 -3.48 -18.41 14.14
C LEU D 28 -3.82 -17.08 14.79
N GLN D 29 -3.96 -17.06 16.12
CA GLN D 29 -4.25 -15.83 16.84
C GLN D 29 -3.91 -16.04 18.30
N ASP D 30 -3.84 -14.92 19.03
CA ASP D 30 -3.52 -14.92 20.47
C ASP D 30 -2.19 -15.61 20.76
N THR D 31 -1.30 -15.64 19.77
CA THR D 31 0.04 -16.17 19.95
C THR D 31 0.94 -15.08 20.51
N SER D 32 1.73 -15.44 21.52
CA SER D 32 2.76 -14.54 22.05
C SER D 32 4.09 -15.07 21.54
N CYS D 33 4.58 -14.50 20.45
CA CYS D 33 5.77 -14.99 19.76
C CYS D 33 6.72 -13.83 19.48
N GLN D 34 8.00 -14.17 19.40
CA GLN D 34 9.08 -13.20 19.27
C GLN D 34 10.13 -13.72 18.30
N VAL D 35 10.82 -12.81 17.64
CA VAL D 35 12.05 -13.12 16.91
C VAL D 35 13.22 -12.71 17.79
N HIS D 36 14.16 -13.63 17.99
CA HIS D 36 15.37 -13.37 18.76
C HIS D 36 16.54 -13.37 17.79
N ALA D 37 17.30 -12.28 17.75
CA ALA D 37 18.45 -12.14 16.87
C ALA D 37 19.73 -12.26 17.68
N TRP D 38 20.63 -13.13 17.23
CA TRP D 38 21.85 -13.48 17.96
C TRP D 38 23.02 -13.42 16.98
N PRO D 39 23.65 -12.26 16.83
CA PRO D 39 24.80 -12.16 15.91
C PRO D 39 26.04 -12.82 16.50
N ASP D 40 26.72 -13.62 15.69
CA ASP D 40 27.91 -14.30 16.18
C ASP D 40 29.01 -13.30 16.47
N ARG D 41 29.61 -13.44 17.66
CA ARG D 41 30.77 -12.67 18.10
C ARG D 41 30.56 -11.16 17.99
N ARG D 42 29.35 -10.73 18.32
CA ARG D 42 29.01 -9.33 18.52
C ARG D 42 28.52 -9.17 19.95
N ARG D 43 28.40 -7.93 20.40
CA ARG D 43 28.17 -7.67 21.82
C ARG D 43 26.72 -7.36 22.16
N TRP D 44 25.80 -7.56 21.22
CA TRP D 44 24.38 -7.30 21.49
C TRP D 44 23.53 -8.44 20.95
N ASN D 45 22.40 -8.66 21.62
CA ASN D 45 21.27 -9.43 21.11
C ASN D 45 20.04 -8.53 21.08
N GLN D 46 19.02 -8.95 20.34
CA GLN D 46 17.84 -8.10 20.20
C GLN D 46 16.65 -8.96 19.84
N THR D 47 15.47 -8.58 20.35
CA THR D 47 14.23 -9.27 20.01
C THR D 47 13.20 -8.27 19.52
N CYS D 48 12.24 -8.77 18.74
CA CYS D 48 11.06 -8.00 18.39
C CYS D 48 9.82 -8.89 18.56
N GLU D 49 8.69 -8.27 18.89
CA GLU D 49 7.45 -9.00 19.07
C GLU D 49 6.77 -9.21 17.72
N LEU D 50 6.46 -10.46 17.41
CA LEU D 50 5.79 -10.79 16.16
C LEU D 50 4.34 -10.35 16.21
N LEU D 51 3.93 -9.52 15.25
CA LEU D 51 2.57 -8.98 15.21
C LEU D 51 1.85 -9.42 13.94
N PRO D 52 0.53 -9.60 14.01
CA PRO D 52 -0.22 -10.03 12.82
C PRO D 52 -0.08 -9.07 11.66
N VAL D 53 0.19 -9.62 10.48
CA VAL D 53 0.14 -8.88 9.23
C VAL D 53 -0.86 -9.46 8.27
N SER D 54 -1.25 -10.73 8.43
CA SER D 54 -2.31 -11.36 7.66
C SER D 54 -3.04 -12.31 8.61
N GLN D 55 -3.93 -13.14 8.05
CA GLN D 55 -4.69 -14.06 8.88
C GLN D 55 -3.81 -15.14 9.48
N ALA D 56 -2.76 -15.57 8.76
CA ALA D 56 -1.89 -16.64 9.23
C ALA D 56 -0.42 -16.26 9.19
N SER D 57 -0.11 -14.96 9.20
CA SER D 57 1.27 -14.49 9.12
C SER D 57 1.51 -13.40 10.15
N TRP D 58 2.70 -13.44 10.76
CA TRP D 58 3.19 -12.44 11.69
C TRP D 58 4.50 -11.86 11.18
N ALA D 59 4.85 -10.67 11.68
CA ALA D 59 6.07 -10.00 11.25
C ALA D 59 6.52 -8.99 12.30
N CYS D 60 7.82 -8.72 12.32
CA CYS D 60 8.35 -7.58 13.06
C CYS D 60 9.75 -7.26 12.54
N ASN D 61 10.23 -6.08 12.92
CA ASN D 61 11.50 -5.55 12.44
C ASN D 61 12.51 -5.53 13.57
N LEU D 62 13.72 -5.98 13.27
CA LEU D 62 14.88 -5.87 14.16
C LEU D 62 15.69 -4.66 13.71
N ILE D 63 15.56 -3.55 14.44
CA ILE D 63 16.27 -2.33 14.12
C ILE D 63 17.59 -2.36 14.86
N LEU D 64 18.70 -2.53 14.12
CA LEU D 64 20.01 -2.78 14.71
C LEU D 64 20.76 -1.51 15.07
N GLY D 65 20.29 -0.35 14.62
CA GLY D 65 21.02 0.88 14.86
C GLY D 65 20.39 2.02 14.08
N ALA D 66 21.19 3.07 13.87
CA ALA D 66 20.71 4.24 13.16
C ALA D 66 20.40 3.88 11.70
N PRO D 67 19.47 4.60 11.06
CA PRO D 67 18.94 4.13 9.76
C PRO D 67 19.99 3.98 8.67
N ASP D 68 21.03 4.81 8.64
CA ASP D 68 22.04 4.70 7.59
C ASP D 68 23.36 4.14 8.13
N SER D 69 23.33 3.43 9.25
CA SER D 69 24.54 2.84 9.80
C SER D 69 24.76 1.46 9.21
N GLN D 70 26.02 1.15 8.93
CA GLN D 70 26.38 -0.17 8.39
C GLN D 70 26.68 -1.14 9.53
N MLY D 71 25.63 -1.68 10.13
CA MLY D 71 25.73 -2.50 11.33
CB MLY D 71 24.37 -2.57 12.03
CG MLY D 71 23.94 -1.28 12.72
CD MLY D 71 24.94 -0.83 13.79
CE MLY D 71 25.09 -1.84 14.92
NZ MLY D 71 25.77 -1.22 16.10
CH1 MLY D 71 24.73 -0.52 16.87
CH2 MLY D 71 26.27 -2.28 16.96
C MLY D 71 26.24 -3.91 11.07
O MLY D 71 26.75 -4.55 11.97
N LEU D 72 26.09 -4.39 9.83
CA LEU D 72 26.52 -5.74 9.46
C LEU D 72 27.45 -5.72 8.24
N THR D 73 28.32 -6.73 8.10
CA THR D 73 29.14 -6.94 6.92
C THR D 73 29.03 -8.40 6.49
N THR D 74 29.83 -8.78 5.47
CA THR D 74 29.77 -10.13 4.93
C THR D 74 30.37 -11.20 5.85
N VAL D 75 31.01 -10.80 6.95
CA VAL D 75 31.49 -11.79 7.92
C VAL D 75 30.46 -12.07 9.01
N ASP D 76 29.38 -11.30 9.06
CA ASP D 76 28.39 -11.49 10.11
C ASP D 76 27.52 -12.71 9.84
N ILE D 77 27.11 -13.37 10.92
CA ILE D 77 26.12 -14.44 10.88
C ILE D 77 25.15 -14.18 12.02
N VAL D 78 23.87 -14.02 11.69
CA VAL D 78 22.87 -13.71 12.70
C VAL D 78 21.98 -14.94 12.86
N THR D 79 22.02 -15.57 14.03
CA THR D 79 21.08 -16.66 14.28
C THR D 79 19.74 -16.05 14.67
N LEU D 80 18.72 -16.34 13.87
CA LEU D 80 17.37 -15.82 14.09
C LEU D 80 16.48 -16.97 14.54
N ARG D 81 15.83 -16.79 15.70
CA ARG D 81 14.90 -17.77 16.25
C ARG D 81 13.51 -17.15 16.38
N VAL D 82 12.49 -17.93 16.03
CA VAL D 82 11.13 -17.64 16.49
C VAL D 82 10.90 -18.39 17.80
N LEU D 83 10.62 -17.64 18.86
CA LEU D 83 10.27 -18.19 20.16
C LEU D 83 8.81 -17.86 20.46
N CYS D 84 8.05 -18.88 20.89
CA CYS D 84 6.67 -18.68 21.31
C CYS D 84 6.48 -19.19 22.72
N ARG D 85 5.71 -18.46 23.52
CA ARG D 85 5.57 -18.76 24.94
C ARG D 85 4.54 -19.86 25.15
N GLU D 86 4.91 -20.83 25.99
CA GLU D 86 4.01 -21.92 26.41
C GLU D 86 4.15 -22.01 27.93
N GLY D 87 3.34 -21.21 28.63
CA GLY D 87 3.47 -21.08 30.07
C GLY D 87 4.64 -20.19 30.46
N VAL D 88 5.55 -20.72 31.28
CA VAL D 88 6.74 -19.97 31.68
C VAL D 88 7.92 -20.23 30.76
N ARG D 89 7.83 -21.25 29.89
CA ARG D 89 8.92 -21.63 29.00
C ARG D 89 8.63 -21.15 27.58
N TRP D 90 9.64 -20.58 26.94
CA TRP D 90 9.56 -20.23 25.53
C TRP D 90 10.12 -21.37 24.70
N ARG D 91 9.39 -21.76 23.65
CA ARG D 91 9.76 -22.87 22.79
C ARG D 91 10.20 -22.33 21.43
N VAL D 92 11.24 -22.93 20.86
CA VAL D 92 11.77 -22.52 19.56
C VAL D 92 10.89 -23.09 18.47
N MET D 93 10.22 -22.21 17.71
CA MET D 93 9.36 -22.63 16.60
C MET D 93 10.14 -22.81 15.30
N ALA D 94 11.10 -21.91 15.04
CA ALA D 94 11.88 -21.93 13.82
C ALA D 94 13.22 -21.27 14.09
N ILE D 95 14.18 -21.55 13.22
CA ILE D 95 15.54 -21.04 13.42
C ILE D 95 16.27 -21.07 12.09
N GLN D 96 17.13 -20.07 11.88
CA GLN D 96 18.03 -20.05 10.73
C GLN D 96 19.28 -19.27 11.10
N ASP D 97 20.41 -19.71 10.58
CA ASP D 97 21.60 -18.87 10.51
C ASP D 97 21.50 -18.00 9.27
N PHE D 98 21.57 -16.68 9.46
CA PHE D 98 21.21 -15.67 8.48
C PHE D 98 22.48 -14.94 8.03
N LYS D 99 22.89 -15.18 6.79
CA LYS D 99 23.95 -14.37 6.21
C LYS D 99 23.32 -13.13 5.58
N PRO D 100 23.52 -11.94 6.15
CA PRO D 100 22.66 -10.81 5.79
C PRO D 100 22.74 -10.37 4.34
N PHE D 101 23.91 -10.50 3.71
CA PHE D 101 24.06 -10.05 2.32
C PHE D 101 23.69 -11.12 1.32
N GLU D 102 23.23 -12.27 1.80
CA GLU D 102 22.57 -13.25 0.97
C GLU D 102 21.05 -13.08 0.97
N ASN D 103 20.54 -12.11 1.72
CA ASN D 103 19.10 -11.92 1.88
C ASN D 103 18.75 -10.43 1.80
N LEU D 104 19.28 -9.74 0.81
CA LEU D 104 19.07 -8.30 0.69
C LEU D 104 17.68 -7.99 0.12
N ARG D 105 17.06 -6.95 0.66
CA ARG D 105 15.86 -6.35 0.06
C ARG D 105 15.90 -4.88 0.47
N LEU D 106 16.25 -4.01 -0.47
CA LEU D 106 16.43 -2.61 -0.16
C LEU D 106 15.08 -1.93 0.08
N MET D 107 15.16 -0.73 0.66
CA MET D 107 14.01 0.13 0.73
C MET D 107 13.58 0.53 -0.68
N ALA D 108 12.28 0.73 -0.84
CA ALA D 108 11.78 1.23 -2.10
C ALA D 108 12.40 2.59 -2.41
N PRO D 109 12.76 2.86 -3.66
CA PRO D 109 13.29 4.18 -4.02
C PRO D 109 12.36 5.30 -3.56
N ILE D 110 12.94 6.45 -3.22
CA ILE D 110 12.21 7.58 -2.68
C ILE D 110 12.59 8.82 -3.48
N SER D 111 11.96 9.94 -3.13
CA SER D 111 12.28 11.26 -3.69
C SER D 111 12.11 11.29 -5.20
N LEU D 112 11.13 10.54 -5.71
CA LEU D 112 10.82 10.58 -7.13
C LEU D 112 10.41 11.99 -7.54
N GLN D 113 10.86 12.42 -8.71
CA GLN D 113 10.41 13.71 -9.22
C GLN D 113 10.55 13.72 -10.72
N VAL D 114 9.66 14.47 -11.36
CA VAL D 114 9.75 14.71 -12.80
C VAL D 114 10.83 15.75 -13.03
N VAL D 115 11.88 15.35 -13.77
CA VAL D 115 12.91 16.31 -14.14
C VAL D 115 12.45 17.15 -15.32
N HIS D 116 11.77 16.52 -16.28
CA HIS D 116 11.36 17.19 -17.51
C HIS D 116 10.35 16.33 -18.25
N VAL D 117 9.17 16.89 -18.53
CA VAL D 117 8.11 16.16 -19.22
C VAL D 117 7.88 16.82 -20.58
N GLU D 118 7.66 15.98 -21.60
CA GLU D 118 7.33 16.49 -22.93
C GLU D 118 6.01 15.89 -23.41
N THR D 119 5.85 15.74 -24.72
CA THR D 119 4.59 15.20 -25.24
C THR D 119 4.60 13.67 -25.26
N HIS D 120 5.73 13.07 -25.61
CA HIS D 120 5.86 11.63 -25.69
C HIS D 120 6.89 11.05 -24.73
N ARG D 121 7.58 11.87 -23.96
CA ARG D 121 8.61 11.36 -23.08
C ARG D 121 8.60 12.10 -21.75
N CYS D 122 9.29 11.53 -20.78
CA CYS D 122 9.41 12.12 -19.45
C CYS D 122 10.66 11.57 -18.79
N ASN D 123 11.51 12.47 -18.31
CA ASN D 123 12.68 12.11 -17.53
C ASN D 123 12.31 12.18 -16.04
N ILE D 124 12.40 11.04 -15.35
CA ILE D 124 12.08 10.93 -13.94
C ILE D 124 13.31 10.40 -13.21
N SER D 125 13.64 11.00 -12.06
CA SER D 125 14.76 10.56 -11.25
C SER D 125 14.27 10.15 -9.87
N TRP D 126 15.16 9.51 -9.12
CA TRP D 126 14.82 8.99 -7.80
C TRP D 126 16.09 8.87 -6.96
N GLU D 127 15.90 8.52 -5.69
CA GLU D 127 16.98 8.34 -4.74
C GLU D 127 16.91 6.93 -4.14
N ILE D 128 18.08 6.34 -3.91
CA ILE D 128 18.20 5.06 -3.23
C ILE D 128 18.48 5.33 -1.76
N SER D 129 17.64 4.80 -0.88
CA SER D 129 17.68 5.10 0.54
C SER D 129 18.34 3.97 1.32
N GLN D 130 19.03 4.32 2.40
CA GLN D 130 19.57 3.37 3.36
C GLN D 130 20.37 2.27 2.66
N ALA D 131 21.38 2.72 1.91
CA ALA D 131 22.24 1.82 1.15
C ALA D 131 23.57 2.54 0.91
N SER D 132 24.66 1.79 1.00
CA SER D 132 25.95 2.39 0.73
C SER D 132 26.05 2.79 -0.73
N HIS D 133 26.92 3.75 -1.01
CA HIS D 133 27.19 4.14 -2.39
C HIS D 133 27.68 2.96 -3.22
N TYR D 134 28.33 1.98 -2.57
CA TYR D 134 28.68 0.75 -3.26
C TYR D 134 27.47 0.13 -3.92
N PHE D 135 26.37 -0.01 -3.17
CA PHE D 135 25.21 -0.69 -3.72
C PHE D 135 24.55 0.12 -4.83
N GLU D 136 24.64 1.45 -4.77
CA GLU D 136 24.14 2.28 -5.86
C GLU D 136 24.71 1.87 -7.21
N ARG D 137 25.95 1.38 -7.25
CA ARG D 137 26.62 1.05 -8.49
C ARG D 137 26.43 -0.40 -8.92
N HIS D 138 25.74 -1.21 -8.12
CA HIS D 138 25.57 -2.63 -8.40
C HIS D 138 24.11 -3.03 -8.26
N LEU D 139 23.23 -2.28 -8.92
CA LEU D 139 21.79 -2.44 -8.81
C LEU D 139 21.16 -2.76 -10.15
N GLU D 140 19.99 -3.38 -10.06
CA GLU D 140 19.03 -3.54 -11.14
C GLU D 140 17.81 -2.69 -10.78
N PHE D 141 17.20 -2.06 -11.78
CA PHE D 141 15.97 -1.31 -11.56
C PHE D 141 14.87 -1.84 -12.46
N GLU D 142 13.62 -1.71 -11.99
CA GLU D 142 12.44 -2.03 -12.77
C GLU D 142 11.48 -0.85 -12.65
N ALA D 143 10.95 -0.40 -13.78
CA ALA D 143 10.01 0.71 -13.83
C ALA D 143 8.77 0.32 -14.59
N ARG D 144 7.62 0.85 -14.16
CA ARG D 144 6.36 0.62 -14.84
C ARG D 144 5.50 1.87 -14.72
N THR D 145 4.53 1.97 -15.63
CA THR D 145 3.66 3.15 -15.72
C THR D 145 2.19 2.76 -15.71
N LEU D 146 1.37 3.63 -15.13
CA LEU D 146 -0.08 3.48 -15.17
C LEU D 146 -0.66 4.54 -16.11
N SER D 147 -1.50 4.12 -17.05
CA SER D 147 -2.17 5.02 -17.96
C SER D 147 -3.68 4.80 -17.85
N PRO D 148 -4.49 5.75 -18.32
CA PRO D 148 -5.95 5.62 -18.12
C PRO D 148 -6.50 4.45 -18.90
N GLY D 149 -7.38 3.69 -18.24
CA GLY D 149 -7.95 2.50 -18.83
C GLY D 149 -7.19 1.22 -18.58
N HIS D 150 -6.03 1.28 -17.94
CA HIS D 150 -5.21 0.10 -17.72
C HIS D 150 -4.96 -0.09 -16.22
N THR D 151 -4.33 -1.21 -15.90
CA THR D 151 -3.99 -1.58 -14.53
C THR D 151 -2.47 -1.63 -14.36
N TRP D 152 -2.03 -1.62 -13.11
CA TRP D 152 -0.60 -1.79 -12.83
C TRP D 152 -0.10 -3.14 -13.32
N GLU D 153 -0.93 -4.18 -13.17
CA GLU D 153 -0.55 -5.51 -13.62
C GLU D 153 -0.33 -5.56 -15.13
N GLU D 154 -1.09 -4.79 -15.90
CA GLU D 154 -0.93 -4.69 -17.34
C GLU D 154 0.15 -3.71 -17.76
N ALA D 155 0.83 -3.07 -16.81
CA ALA D 155 1.72 -1.97 -17.15
C ALA D 155 2.88 -2.49 -18.00
N PRO D 156 3.32 -1.72 -19.01
CA PRO D 156 4.59 -2.03 -19.66
C PRO D 156 5.73 -1.87 -18.67
N LEU D 157 6.66 -2.81 -18.70
CA LEU D 157 7.71 -2.92 -17.71
C LEU D 157 9.08 -2.75 -18.38
N LEU D 158 9.94 -1.95 -17.75
CA LEU D 158 11.31 -1.75 -18.21
C LEU D 158 12.26 -2.19 -17.10
N THR D 159 13.26 -2.99 -17.47
CA THR D 159 14.26 -3.47 -16.53
C THR D 159 15.62 -3.02 -17.02
N LEU D 160 16.42 -2.41 -16.14
CA LEU D 160 17.70 -1.83 -16.51
C LEU D 160 18.77 -2.22 -15.51
N LYS D 161 19.93 -2.65 -16.01
CA LYS D 161 21.10 -2.95 -15.19
C LYS D 161 22.11 -1.83 -15.42
N GLN D 162 21.98 -0.74 -14.67
CA GLN D 162 22.86 0.41 -14.85
C GLN D 162 22.93 1.22 -13.55
N LYS D 163 23.82 2.23 -13.54
CA LYS D 163 24.05 3.05 -12.36
C LYS D 163 23.10 4.23 -12.26
N GLN D 164 22.42 4.58 -13.36
CA GLN D 164 21.56 5.75 -13.38
C GLN D 164 20.43 5.65 -12.36
N GLU D 165 20.19 6.74 -11.64
CA GLU D 165 19.00 6.89 -10.81
C GLU D 165 18.00 7.83 -11.48
N TRP D 166 17.86 7.69 -12.79
CA TRP D 166 16.86 8.39 -13.57
C TRP D 166 16.51 7.52 -14.77
N ILE D 167 15.41 7.85 -15.41
CA ILE D 167 14.96 7.09 -16.57
C ILE D 167 14.15 8.00 -17.48
N CYS D 168 14.46 8.00 -18.77
CA CYS D 168 13.71 8.77 -19.75
C CYS D 168 12.78 7.80 -20.46
N LEU D 169 11.50 7.82 -20.07
CA LEU D 169 10.48 7.02 -20.73
C LEU D 169 10.21 7.55 -22.12
N GLU D 170 10.06 6.65 -23.09
CA GLU D 170 9.74 7.03 -24.46
C GLU D 170 8.39 6.50 -24.91
N THR D 171 7.65 5.82 -24.04
CA THR D 171 6.49 5.04 -24.43
C THR D 171 5.18 5.82 -24.32
N LEU D 172 5.24 7.14 -24.17
CA LEU D 172 4.08 7.92 -23.74
C LEU D 172 3.32 8.52 -24.91
N THR D 173 2.08 8.98 -24.61
CA THR D 173 1.05 9.65 -25.41
C THR D 173 0.86 11.09 -24.92
N PRO D 174 0.66 12.04 -25.82
CA PRO D 174 0.42 13.43 -25.39
C PRO D 174 -0.88 13.58 -24.61
N ASP D 175 -0.90 14.65 -23.81
CA ASP D 175 -2.08 15.08 -23.05
C ASP D 175 -2.73 13.93 -22.28
N THR D 176 -1.91 13.21 -21.51
CA THR D 176 -2.37 12.01 -20.81
C THR D 176 -1.82 11.96 -19.39
N GLN D 177 -2.68 11.59 -18.44
CA GLN D 177 -2.25 11.41 -17.06
C GLN D 177 -1.57 10.04 -16.88
N TYR D 178 -0.47 10.03 -16.12
CA TYR D 178 0.28 8.82 -15.85
C TYR D 178 0.63 8.75 -14.36
N GLU D 179 0.93 7.54 -13.92
CA GLU D 179 1.71 7.35 -12.69
C GLU D 179 2.90 6.45 -13.02
N PHE D 180 3.95 6.60 -12.22
CA PHE D 180 5.21 5.90 -12.44
C PHE D 180 5.66 5.29 -11.13
N GLN D 181 6.08 4.03 -11.17
CA GLN D 181 6.73 3.39 -10.03
C GLN D 181 8.06 2.79 -10.47
N VAL D 182 8.97 2.65 -9.49
CA VAL D 182 10.26 2.03 -9.73
C VAL D 182 10.62 1.17 -8.52
N ARG D 183 11.28 0.04 -8.77
CA ARG D 183 11.81 -0.79 -7.70
C ARG D 183 13.22 -1.21 -8.08
N VAL D 184 13.93 -1.76 -7.10
CA VAL D 184 15.38 -1.95 -7.20
C VAL D 184 15.81 -3.27 -6.55
N MLY D 185 16.85 -3.88 -7.12
CA MLY D 185 17.39 -5.13 -6.60
CB MLY D 185 16.81 -6.34 -7.33
CG MLY D 185 16.75 -7.58 -6.46
CD MLY D 185 17.03 -8.85 -7.23
CE MLY D 185 16.08 -9.05 -8.39
NZ MLY D 185 16.40 -10.34 -9.09
CH1 MLY D 185 16.31 -11.42 -8.09
CH2 MLY D 185 15.36 -10.60 -10.09
C MLY D 185 18.90 -5.15 -6.76
O MLY D 185 19.41 -4.93 -7.85
N PRO D 186 19.63 -5.39 -5.65
CA PRO D 186 21.08 -5.58 -5.76
C PRO D 186 21.40 -6.81 -6.57
N LEU D 187 22.52 -6.76 -7.29
CA LEU D 187 22.97 -7.87 -8.12
C LEU D 187 23.73 -8.93 -7.34
N GLN D 188 23.55 -9.02 -6.02
CA GLN D 188 24.29 -9.99 -5.23
C GLN D 188 23.41 -10.56 -4.13
N GLY D 189 23.81 -11.74 -3.66
CA GLY D 189 23.06 -12.46 -2.63
C GLY D 189 22.17 -13.53 -3.23
N GLU D 190 22.23 -14.74 -2.68
CA GLU D 190 21.49 -15.86 -3.26
C GLU D 190 19.98 -15.63 -3.16
N PHE D 191 19.50 -15.10 -2.04
CA PHE D 191 18.07 -14.97 -1.78
C PHE D 191 17.58 -13.52 -1.89
N THR D 192 18.41 -12.63 -2.40
CA THR D 192 18.03 -11.23 -2.57
C THR D 192 16.79 -11.12 -3.45
N THR D 193 15.88 -10.21 -3.09
CA THR D 193 14.66 -9.98 -3.84
C THR D 193 14.45 -8.49 -4.10
N TRP D 194 13.47 -8.21 -4.97
CA TRP D 194 13.11 -6.83 -5.29
C TRP D 194 12.66 -6.08 -4.05
N SER D 195 13.02 -4.82 -4.00
CA SER D 195 12.41 -3.87 -3.08
C SER D 195 10.92 -3.77 -3.38
N PRO D 196 10.10 -3.24 -2.48
CA PRO D 196 8.74 -2.87 -2.87
C PRO D 196 8.77 -1.79 -3.95
N TRP D 197 7.64 -1.64 -4.63
CA TRP D 197 7.52 -0.55 -5.59
C TRP D 197 7.54 0.77 -4.84
N SER D 198 8.14 1.79 -5.44
CA SER D 198 8.07 3.13 -4.88
C SER D 198 6.62 3.59 -4.84
N GLN D 199 6.36 4.61 -4.03
CA GLN D 199 5.07 5.27 -4.11
C GLN D 199 4.92 5.86 -5.51
N PRO D 200 3.73 5.83 -6.10
CA PRO D 200 3.58 6.27 -7.48
C PRO D 200 3.75 7.77 -7.62
N LEU D 201 4.42 8.17 -8.70
CA LEU D 201 4.64 9.57 -9.05
C LEU D 201 3.66 9.94 -10.15
N ALA D 202 2.83 10.93 -9.89
CA ALA D 202 1.84 11.37 -10.86
C ALA D 202 2.38 12.54 -11.67
N PHE D 203 2.13 12.50 -12.98
CA PHE D 203 2.52 13.57 -13.88
C PHE D 203 1.62 13.49 -15.10
N ARG D 204 1.67 14.52 -15.93
CA ARG D 204 0.86 14.58 -17.15
C ARG D 204 1.73 15.04 -18.31
N THR D 205 1.71 14.27 -19.40
CA THR D 205 2.42 14.68 -20.61
C THR D 205 1.81 15.96 -21.17
N LYS D 206 2.65 16.70 -21.89
CA LYS D 206 2.21 17.99 -22.43
C LYS D 206 1.30 17.80 -23.63
N PRO D 207 0.51 18.82 -23.99
CA PRO D 207 -0.33 18.70 -25.17
C PRO D 207 0.47 18.68 -26.45
N ALA D 208 -0.06 17.96 -27.44
CA ALA D 208 0.54 17.96 -28.77
C ALA D 208 0.53 19.36 -29.34
N ALA D 209 1.65 19.76 -29.93
CA ALA D 209 1.80 21.10 -30.48
C ALA D 209 1.57 21.11 -31.99
C1 NAG E . -25.04 3.39 -7.05
C2 NAG E . -25.89 2.20 -6.64
C3 NAG E . -27.30 2.66 -6.34
C4 NAG E . -27.30 3.80 -5.32
C5 NAG E . -26.32 4.90 -5.73
C6 NAG E . -26.11 5.94 -4.66
C7 NAG E . -24.98 0.20 -7.76
C8 NAG E . -25.14 -0.75 -8.90
N2 NAG E . -25.90 1.17 -7.68
O3 NAG E . -28.04 1.55 -5.84
O4 NAG E . -28.59 4.39 -5.28
O5 NAG E . -25.03 4.34 -6.01
O6 NAG E . -25.81 5.35 -3.39
O7 NAG E . -24.05 0.11 -6.95
C1 NAG E . -29.17 4.38 -3.97
C2 NAG E . -30.35 5.35 -3.95
C3 NAG E . -31.02 5.31 -2.59
C4 NAG E . -31.45 3.89 -2.24
C5 NAG E . -30.26 2.94 -2.35
C6 NAG E . -30.66 1.48 -2.21
C7 NAG E . -30.00 7.22 -5.51
C8 NAG E . -29.53 8.63 -5.66
N2 NAG E . -29.92 6.70 -4.28
O3 NAG E . -32.13 6.19 -2.58
O4 NAG E . -31.99 3.83 -0.93
O5 NAG E . -29.63 3.05 -3.64
O6 NAG E . -31.67 1.14 -3.16
O7 NAG E . -30.45 6.59 -6.46
C1 FUC E . -25.06 6.26 -2.59
C2 FUC E . -24.74 5.52 -1.28
C3 FUC E . -23.70 4.42 -1.51
C4 FUC E . -22.44 4.98 -2.24
C5 FUC E . -22.86 5.69 -3.51
C6 FUC E . -21.71 6.36 -4.26
O2 FUC E . -25.91 4.92 -0.74
O3 FUC E . -23.27 3.89 -0.27
O4 FUC E . -21.75 5.88 -1.40
O5 FUC E . -23.86 6.70 -3.25
C1 NAG F . -17.17 13.31 -24.39
C2 NAG F . -16.66 12.90 -25.76
C3 NAG F . -15.67 13.94 -26.30
C4 NAG F . -16.31 15.33 -26.29
C5 NAG F . -16.84 15.66 -24.90
C6 NAG F . -17.61 16.94 -24.87
C7 NAG F . -16.55 10.51 -26.32
C8 NAG F . -15.77 9.24 -26.16
N2 NAG F . -16.04 11.59 -25.71
O3 NAG F . -15.30 13.58 -27.63
O4 NAG F . -15.34 16.31 -26.63
O5 NAG F . -17.74 14.62 -24.46
O6 NAG F . -18.73 16.85 -25.74
O7 NAG F . -17.58 10.56 -26.97
C1 NAG F . -15.46 16.77 -27.99
C2 NAG F . -14.89 18.19 -28.08
C3 NAG F . -14.85 18.68 -29.53
C4 NAG F . -14.10 17.67 -30.40
C5 NAG F . -14.77 16.31 -30.27
C6 NAG F . -14.07 15.23 -31.05
C7 NAG F . -15.15 19.88 -26.31
C8 NAG F . -16.11 20.78 -25.58
N2 NAG F . -15.68 19.11 -27.27
O3 NAG F . -14.19 19.94 -29.58
O4 NAG F . -14.12 18.10 -31.76
O5 NAG F . -14.75 15.91 -28.88
O6 NAG F . -15.01 14.33 -31.62
O7 NAG F . -13.96 19.84 -26.02
C1 FUC F . -19.53 18.05 -25.70
C2 FUC F . -20.83 17.81 -26.55
C3 FUC F . -21.86 16.96 -25.78
C4 FUC F . -22.12 17.59 -24.42
C5 FUC F . -20.82 17.63 -23.66
C6 FUC F . -20.92 18.24 -22.26
O2 FUC F . -20.56 17.23 -27.81
O3 FUC F . -23.09 16.92 -26.48
O4 FUC F . -22.60 18.92 -24.60
O5 FUC F . -19.82 18.42 -24.37
C1 NAG G . -16.13 -13.07 15.84
C2 NAG G . -14.81 -13.71 16.30
C3 NAG G . -13.80 -13.72 15.16
C4 NAG G . -14.40 -14.31 13.89
C5 NAG G . -15.74 -13.65 13.57
C6 NAG G . -16.47 -14.30 12.41
C7 NAG G . -14.18 -13.51 18.67
C8 NAG G . -13.61 -12.62 19.72
N2 NAG G . -14.28 -12.98 17.45
O3 NAG G . -12.67 -14.48 15.55
O4 NAG G . -13.50 -14.11 12.81
O5 NAG G . -16.61 -13.76 14.70
O6 NAG G . -16.60 -15.70 12.59
O7 NAG G . -14.54 -14.66 18.92
C1 NAG G . -13.13 -15.40 12.30
C2 NAG G . -12.61 -15.26 10.87
C3 NAG G . -12.25 -16.64 10.32
C4 NAG G . -11.31 -17.38 11.25
C5 NAG G . -11.82 -17.34 12.71
C6 NAG G . -10.81 -17.87 13.69
C7 NAG G . -13.55 -13.29 9.75
C8 NAG G . -14.64 -12.77 8.86
N2 NAG G . -13.59 -14.59 10.01
O3 NAG G . -11.65 -16.49 9.03
O4 NAG G . -11.23 -18.74 10.86
O5 NAG G . -12.12 -16.00 13.11
O6 NAG G . -9.48 -17.79 13.20
O7 NAG G . -12.69 -12.55 10.23
C1 BMA G . -9.96 -19.03 10.24
C2 BMA G . -9.46 -20.37 10.82
C3 BMA G . -8.18 -20.80 10.10
C4 BMA G . -8.27 -20.66 8.56
C5 BMA G . -8.85 -19.30 8.15
C6 BMA G . -9.14 -19.19 6.66
O2 BMA G . -10.41 -21.41 10.60
O3 BMA G . -7.79 -22.14 10.46
O4 BMA G . -6.98 -20.79 8.00
O5 BMA G . -10.09 -19.10 8.83
O6 BMA G . -7.99 -19.62 5.96
C1 NAG H . 12.53 -1.44 8.76
C2 NAG H . 11.97 -0.06 8.55
C3 NAG H . 10.45 -0.10 8.71
C4 NAG H . 9.81 -1.15 7.81
C5 NAG H . 10.53 -2.50 7.94
C6 NAG H . 10.11 -3.50 6.89
C7 NAG H . 13.69 1.54 9.23
C8 NAG H . 14.13 2.51 10.29
N2 NAG H . 12.54 0.89 9.47
O3 NAG H . 9.94 1.20 8.45
O4 NAG H . 8.46 -1.35 8.23
O5 NAG H . 11.95 -2.34 7.81
O6 NAG H . 10.21 -2.94 5.58
O7 NAG H . 14.34 1.36 8.20
C1 NAG H . 7.54 -1.24 7.12
C2 NAG H . 6.17 -1.81 7.51
C3 NAG H . 5.17 -1.62 6.37
C4 NAG H . 5.13 -0.16 5.95
C5 NAG H . 6.54 0.34 5.62
C6 NAG H . 6.59 1.81 5.31
C7 NAG H . 6.45 -3.67 9.10
C8 NAG H . 6.50 -5.17 9.26
N2 NAG H . 6.27 -3.22 7.86
O3 NAG H . 3.88 -2.04 6.80
O4 NAG H . 4.32 -0.03 4.78
O5 NAG H . 7.40 0.13 6.75
O6 NAG H . 7.18 2.05 4.04
O7 NAG H . 6.59 -2.91 10.06
C1 FUC H . 10.37 -4.00 4.61
C2 FUC H . 10.43 -3.32 3.22
C3 FUC H . 11.73 -2.53 3.02
C4 FUC H . 12.98 -3.41 3.35
C5 FUC H . 12.82 -4.06 4.73
C6 FUC H . 13.93 -5.08 5.05
O2 FUC H . 9.31 -2.45 3.03
O3 FUC H . 11.87 -2.15 1.65
O4 FUC H . 13.16 -4.40 2.34
O5 FUC H . 11.55 -4.75 4.87
C1 NAG I . 22.73 -13.82 23.03
C2 NAG I . 23.68 -13.63 24.21
C3 NAG I . 24.45 -14.91 24.50
C4 NAG I . 23.50 -16.08 24.69
C5 NAG I . 22.56 -16.19 23.50
C6 NAG I . 21.47 -17.21 23.69
C7 NAG I . 24.57 -11.36 24.57
C8 NAG I . 25.58 -10.35 24.13
N2 NAG I . 24.61 -12.54 23.93
O3 NAG I . 25.26 -14.73 25.67
O4 NAG I . 24.24 -17.30 24.84
O5 NAG I . 21.88 -14.93 23.30
O6 NAG I . 20.54 -16.73 24.65
O7 NAG I . 23.77 -11.13 25.46
C1 NAG I . 23.79 -18.07 25.98
C2 NAG I . 24.85 -19.12 26.31
C3 NAG I . 24.43 -19.93 27.55
C4 NAG I . 24.07 -19.01 28.71
C5 NAG I . 23.04 -17.96 28.28
C6 NAG I . 22.72 -16.95 29.35
C7 NAG I . 26.04 -19.80 24.27
C8 NAG I . 26.13 -20.81 23.17
N2 NAG I . 25.07 -20.00 25.17
O3 NAG I . 25.49 -20.79 27.93
O4 NAG I . 23.54 -19.76 29.80
O5 NAG I . 23.54 -17.23 27.15
O6 NAG I . 23.87 -16.21 29.75
O7 NAG I . 26.81 -18.84 24.35
C1 FUC I . 19.59 -17.76 25.02
C2 FUC I . 18.77 -17.24 26.23
C3 FUC I . 17.86 -16.07 25.81
C4 FUC I . 16.99 -16.49 24.64
C5 FUC I . 17.87 -17.00 23.49
C6 FUC I . 17.09 -17.56 22.30
O2 FUC I . 19.61 -16.86 27.32
O3 FUC I . 17.00 -15.71 26.87
O4 FUC I . 16.12 -17.53 25.07
O5 FUC I . 18.76 -18.06 23.93
C1 NAG J . 17.41 13.16 -16.58
C2 NAG J . 18.61 13.44 -17.48
C3 NAG J . 19.91 13.08 -16.75
C4 NAG J . 19.96 13.79 -15.40
C5 NAG J . 18.69 13.52 -14.59
C6 NAG J . 18.62 14.30 -13.30
C7 NAG J . 18.29 13.30 -19.91
C8 NAG J . 18.21 12.40 -21.10
N2 NAG J . 18.50 12.71 -18.74
O3 NAG J . 21.02 13.46 -17.54
O4 NAG J . 21.10 13.35 -14.67
O5 NAG J . 17.55 13.88 -15.37
O6 NAG J . 18.71 15.70 -13.53
O7 NAG J . 18.17 14.52 -20.01
C1 NAG J . 21.95 14.48 -14.35
C2 NAG J . 22.83 14.11 -13.16
C3 NAG J . 23.70 15.30 -12.78
C4 NAG J . 24.50 15.80 -13.98
C5 NAG J . 23.59 16.01 -15.20
C6 NAG J . 24.36 16.30 -16.47
C7 NAG J . 21.86 12.41 -11.69
C8 NAG J . 20.99 12.14 -10.49
N2 NAG J . 22.02 13.69 -12.02
O3 NAG J . 24.59 14.91 -11.73
O4 NAG J . 25.07 17.05 -13.66
O5 NAG J . 22.78 14.85 -15.46
O6 NAG J . 25.21 15.21 -16.83
O7 NAG J . 22.38 11.49 -12.34
C1 BMA J . 26.51 16.99 -13.47
C2 BMA J . 27.07 18.31 -14.03
C3 BMA J . 28.57 18.40 -13.75
C4 BMA J . 28.86 18.16 -12.26
C5 BMA J . 28.27 16.81 -11.81
C6 BMA J . 28.47 16.54 -10.34
O2 BMA J . 26.48 19.41 -13.35
O3 BMA J . 29.11 19.68 -14.16
O4 BMA J . 30.27 18.15 -12.02
O5 BMA J . 26.85 16.80 -12.10
O6 BMA J . 28.06 15.21 -10.05
S SO4 K . -11.81 2.57 -21.87
O1 SO4 K . -11.75 2.09 -20.49
O2 SO4 K . -11.11 1.63 -22.73
O3 SO4 K . -13.21 2.66 -22.29
O4 SO4 K . -11.20 3.89 -21.97
S SO4 L . -9.60 -6.98 -6.30
O1 SO4 L . -10.59 -7.50 -5.36
O2 SO4 L . -9.29 -8.02 -7.28
O3 SO4 L . -10.13 -5.81 -6.99
O4 SO4 L . -8.40 -6.62 -5.56
S SO4 M . -1.33 -3.15 1.18
O1 SO4 M . -0.75 -4.21 1.99
O2 SO4 M . -1.07 -3.40 -0.23
O3 SO4 M . -2.78 -3.11 1.39
O4 SO4 M . -0.75 -1.87 1.57
S SO4 N . -38.26 16.96 1.96
O1 SO4 N . -37.59 15.67 2.10
O2 SO4 N . -38.83 17.08 0.62
O3 SO4 N . -39.33 17.05 2.95
O4 SO4 N . -37.31 18.05 2.18
S SO4 O . 30.60 -28.68 21.81
O1 SO4 O . 30.66 -29.18 23.18
O2 SO4 O . 30.85 -29.79 20.88
O3 SO4 O . 29.29 -28.11 21.55
O4 SO4 O . 31.63 -27.66 21.62
S SO4 P . 29.66 -4.52 18.36
O1 SO4 P . 29.81 -5.98 18.27
O2 SO4 P . 28.59 -4.20 19.30
O3 SO4 P . 29.35 -3.98 17.05
O4 SO4 P . 30.89 -3.92 18.84
S SO4 Q . 29.07 4.77 2.42
O1 SO4 Q . 28.65 3.88 3.51
O2 SO4 Q . 29.76 3.99 1.39
O3 SO4 Q . 27.90 5.43 1.83
O4 SO4 Q . 29.97 5.79 2.94
S SO4 R . 33.16 -0.88 -7.12
O1 SO4 R . 33.03 -1.10 -5.69
O2 SO4 R . 33.27 -2.16 -7.81
O3 SO4 R . 32.00 -0.14 -7.60
O4 SO4 R . 34.36 -0.08 -7.38
S SO4 S . 2.36 -5.62 -7.47
O1 SO4 S . 1.73 -6.70 -6.69
O2 SO4 S . 3.74 -5.98 -7.77
O3 SO4 S . 2.32 -4.38 -6.69
O4 SO4 S . 1.61 -5.43 -8.71
S SO4 T . 7.73 -10.21 -8.31
O1 SO4 T . 6.99 -11.47 -8.17
O2 SO4 T . 8.13 -10.04 -9.71
O3 SO4 T . 6.88 -9.10 -7.90
O4 SO4 T . 8.93 -10.25 -7.47
S SO4 U . -5.73 -10.96 5.42
O1 SO4 U . -5.19 -12.31 5.47
O2 SO4 U . -6.85 -10.92 4.48
O3 SO4 U . -6.19 -10.56 6.74
O4 SO4 U . -4.70 -10.02 4.97
S SO4 V . 11.78 13.71 -30.54
O1 SO4 V . 10.83 12.81 -29.88
O2 SO4 V . 13.14 13.29 -30.23
O3 SO4 V . 11.55 15.08 -30.05
O4 SO4 V . 11.57 13.69 -31.99
S SO4 W . 24.69 2.98 15.55
O1 SO4 W . 26.09 2.56 15.42
O2 SO4 W . 23.86 2.25 14.59
O3 SO4 W . 24.58 4.41 15.23
O4 SO4 W . 24.20 2.73 16.91
#